data_6XCO
#
_entry.id   6XCO
#
_cell.length_a   69.288
_cell.length_b   104.310
_cell.length_c   69.316
_cell.angle_alpha   90.000
_cell.angle_beta   114.914
_cell.angle_gamma   90.000
#
_symmetry.space_group_name_H-M   'P 1 21 1'
#
loop_
_entity.id
_entity.type
_entity.pdbx_description
1 polymer 'MHC class II HLA-DQ-alpha chain'
2 polymer 'Hybrid Insulin Peptide, MHC class II HLA-DQ-beta-1 fusion'
3 polymer 'T-CELL-RECEPTOR, A1.9-alpha chain'
4 polymer 'T-CELL-RECEPTOR, A1.9-beta chain'
5 non-polymer 2-acetamido-2-deoxy-beta-D-glucopyranose
6 non-polymer GLYCEROL
7 non-polymer 'CACODYLATE ION'
8 water water
#
loop_
_entity_poly.entity_id
_entity_poly.type
_entity_poly.pdbx_seq_one_letter_code
_entity_poly.pdbx_strand_id
1 'polypeptide(L)'
;EDIVADHVASYGVNLYQSYGPSGQYSHEFDGDEEFYVDLERKETVWQLPLFRRFRRFDPQFALTNIAVLKHNLNCVIKRS
NSTAATNEVPEVTVFSKSPVTLGQPNTLICLVDNIFPPVVNITWLSNGHSVTEGVSETSFLSKSDHSFFKISYLTFLPSA
DEIYDCKVEHWGLDEPLLKHWEPESTGGDDDDK
;
A
2 'polypeptide(L)'
;GQVELGGGNAVEVCKGSGGSIEGRGGSGASRDSPEDFVYQFKGMCYFTNGTERVRLVTRYIYNREEYARFDSDVGVYRAV
TPLGPPAAEYWNSQKEVLERTRAELDTVCRHNYQLELRTTLQRRVEPTVTISPSRTEALNHHNLLVCSVTDFYPAQIKVR
WFRNDQEETTGVVSTPLIRNGDWTFQILVMLEMTPQRGDVYTCHVEHPSLQNPIIVEWRAQSTGGDDDDK
;
B
3 'polypeptide(L)'
;MEDQVTQSPEALRLQEGESSSLNCSYTVSGLRGLFWYRQDPGKGPEFLFTLYSAGEEKEKERLKATLTKKESFLHITAPK
PEDSATYLCAVQAGGNNRLAFGKGNQVVVIPNIQNPDPAVYQLRDSKSSDKSVCLFTDFDSQTNVSQSKDSDVYITDKCV
LDMRSMDFKSNSAVAWSNKSDFACANAFNNSIIPEDTFFPSPESS
;
D
4 'polypeptide(L)'
;MGVTQTPRYLIKTRGQQVTLSCSPISGHRSVSWYQQTPGQGLQFLFEYFSETQRNKGNFPGRFSGRQFSNSRSEMNVSTL
ELGDSALYLCASSLERDGYTFGSGTRLTVVEDLNKVFPPEVAVFEPSEAEISHTQKATLVCLATGFFPDHVELSWWVNGK
EVHSGVCTDPQPLKEQPALNDSRYALSSRLRVSATFWQNPRNHFRCQVQFYGLSENDEWTQDRAKPVTQIVSAEAWGRAD
;
E
#
loop_
_chem_comp.id
_chem_comp.type
_chem_comp.name
_chem_comp.formula
CAC non-polymer 'CACODYLATE ION' 'C2 H6 As O2 -1'
GOL non-polymer GLYCEROL 'C3 H8 O3'
NAG D-saccharide, beta linking 2-acetamido-2-deoxy-beta-D-glucopyranose 'C8 H15 N O6'
#
# COMPACT_ATOMS: atom_id res chain seq x y z
N ASP A 2 25.46 -21.88 -10.72
CA ASP A 2 25.19 -21.80 -9.29
C ASP A 2 25.61 -20.44 -8.74
N ILE A 3 24.77 -19.86 -7.90
CA ILE A 3 25.05 -18.55 -7.29
C ILE A 3 25.76 -18.81 -5.97
N VAL A 4 27.03 -18.39 -5.89
CA VAL A 4 27.84 -18.58 -4.70
C VAL A 4 27.62 -17.40 -3.76
N ALA A 5 27.11 -17.67 -2.57
CA ALA A 5 26.86 -16.65 -1.57
C ALA A 5 27.15 -17.22 -0.19
N ASP A 6 27.46 -16.32 0.75
CA ASP A 6 27.69 -16.73 2.12
C ASP A 6 26.38 -17.17 2.77
N HIS A 7 25.31 -16.39 2.59
CA HIS A 7 24.01 -16.66 3.18
C HIS A 7 22.94 -16.49 2.12
N VAL A 8 22.15 -17.53 1.90
CA VAL A 8 21.06 -17.51 0.93
C VAL A 8 19.75 -17.37 1.72
N ALA A 9 19.13 -16.20 1.62
CA ALA A 9 17.86 -15.93 2.27
C ALA A 9 16.71 -16.15 1.29
N SER A 10 15.57 -16.57 1.83
CA SER A 10 14.36 -16.78 1.05
C SER A 10 13.23 -15.98 1.69
N TYR A 11 13.33 -14.66 1.60
CA TYR A 11 12.36 -13.73 2.19
C TYR A 11 11.11 -13.71 1.33
N GLY A 12 10.35 -14.79 1.42
CA GLY A 12 9.12 -14.94 0.66
C GLY A 12 9.03 -16.26 -0.07
N VAL A 13 8.73 -17.34 0.65
CA VAL A 13 8.39 -18.62 0.02
C VAL A 13 6.87 -18.62 -0.11
N ASN A 14 6.40 -18.03 -1.21
CA ASN A 14 4.97 -17.91 -1.48
C ASN A 14 4.51 -19.13 -2.24
N LEU A 15 3.52 -19.85 -1.70
CA LEU A 15 2.97 -21.04 -2.33
C LEU A 15 1.45 -20.93 -2.34
N TYR A 16 0.85 -21.23 -3.49
CA TYR A 16 -0.60 -21.38 -3.59
C TYR A 16 -0.89 -22.50 -4.57
N GLN A 17 -1.73 -23.44 -4.13
CA GLN A 17 -2.14 -24.56 -4.97
C GLN A 17 -3.66 -24.59 -5.07
N SER A 18 -4.15 -25.22 -6.14
CA SER A 18 -5.57 -25.25 -6.41
C SER A 18 -6.31 -26.31 -5.60
N TYR A 19 -5.60 -27.27 -5.03
CA TYR A 19 -6.24 -28.36 -4.31
C TYR A 19 -6.75 -27.87 -2.96
N GLY A 20 -8.07 -27.89 -2.77
CA GLY A 20 -8.69 -27.45 -1.54
C GLY A 20 -8.25 -26.05 -1.15
N PRO A 21 -8.29 -25.11 -2.12
CA PRO A 21 -7.54 -23.84 -2.02
C PRO A 21 -6.68 -23.65 -0.78
N SER A 22 -5.44 -24.16 -0.82
CA SER A 22 -4.50 -24.02 0.28
C SER A 22 -3.28 -23.24 -0.19
N GLY A 23 -2.54 -22.70 0.78
CA GLY A 23 -1.35 -21.94 0.48
C GLY A 23 -0.42 -21.92 1.67
N GLN A 24 0.67 -21.19 1.52
CA GLN A 24 1.66 -21.06 2.59
C GLN A 24 2.51 -19.83 2.34
N TYR A 25 2.82 -19.11 3.42
CA TYR A 25 3.81 -18.05 3.39
C TYR A 25 4.81 -18.29 4.51
N SER A 26 6.10 -18.16 4.18
CA SER A 26 7.15 -18.41 5.16
C SER A 26 8.45 -17.81 4.65
N HIS A 27 9.27 -17.33 5.58
CA HIS A 27 10.61 -16.88 5.30
C HIS A 27 11.62 -17.92 5.76
N GLU A 28 12.66 -18.12 4.96
CA GLU A 28 13.71 -19.08 5.28
C GLU A 28 15.06 -18.38 5.24
N PHE A 29 16.00 -18.90 6.03
CA PHE A 29 17.37 -18.39 6.06
C PHE A 29 18.31 -19.58 6.19
N ASP A 30 19.15 -19.77 5.17
CA ASP A 30 20.10 -20.88 5.11
C ASP A 30 19.40 -22.23 5.22
N GLY A 31 18.18 -22.32 4.67
CA GLY A 31 17.44 -23.56 4.68
C GLY A 31 16.66 -23.84 5.94
N ASP A 32 16.56 -22.88 6.86
CA ASP A 32 15.82 -23.04 8.10
C ASP A 32 14.66 -22.06 8.14
N GLU A 33 13.49 -22.55 8.55
CA GLU A 33 12.29 -21.73 8.56
C GLU A 33 12.33 -20.75 9.73
N GLU A 34 12.33 -19.46 9.42
CA GLU A 34 12.26 -18.43 10.46
C GLU A 34 10.85 -18.31 11.02
N PHE A 35 9.86 -18.25 10.13
CA PHE A 35 8.46 -18.15 10.55
C PHE A 35 7.57 -18.59 9.40
N TYR A 36 6.30 -18.81 9.73
CA TYR A 36 5.23 -18.94 8.75
C TYR A 36 4.07 -18.07 9.21
N VAL A 37 3.13 -17.83 8.29
CA VAL A 37 1.97 -16.99 8.58
C VAL A 37 0.74 -17.86 8.54
N ASP A 38 0.04 -17.93 9.67
CA ASP A 38 -1.26 -18.61 9.73
C ASP A 38 -2.28 -17.78 8.96
N LEU A 39 -2.49 -18.10 7.68
CA LEU A 39 -3.39 -17.33 6.84
C LEU A 39 -4.83 -17.37 7.34
N GLU A 40 -5.17 -18.33 8.19
CA GLU A 40 -6.50 -18.41 8.77
C GLU A 40 -6.65 -17.43 9.93
N ARG A 41 -5.70 -17.45 10.86
CA ARG A 41 -5.74 -16.61 12.05
C ARG A 41 -5.07 -15.25 11.83
N LYS A 42 -4.41 -15.04 10.69
CA LYS A 42 -3.65 -13.82 10.41
C LYS A 42 -2.62 -13.58 11.52
N GLU A 43 -1.73 -14.56 11.69
CA GLU A 43 -0.76 -14.54 12.77
C GLU A 43 0.60 -14.96 12.24
N THR A 44 1.65 -14.31 12.74
CA THR A 44 3.03 -14.64 12.40
C THR A 44 3.60 -15.53 13.48
N VAL A 45 3.95 -16.77 13.12
CA VAL A 45 4.42 -17.76 14.07
C VAL A 45 5.92 -17.94 13.84
N TRP A 46 6.73 -17.29 14.67
CA TRP A 46 8.17 -17.47 14.60
C TRP A 46 8.57 -18.81 15.22
N GLN A 47 9.64 -19.40 14.71
CA GLN A 47 10.04 -20.75 15.06
C GLN A 47 11.18 -20.80 16.07
N LEU A 48 11.50 -19.68 16.72
CA LEU A 48 12.53 -19.64 17.75
C LEU A 48 12.14 -18.61 18.79
N PRO A 49 12.41 -18.87 20.07
CA PRO A 49 12.17 -17.82 21.08
C PRO A 49 12.96 -16.55 20.82
N LEU A 50 14.16 -16.67 20.25
CA LEU A 50 14.94 -15.49 19.90
C LEU A 50 14.23 -14.65 18.85
N PHE A 51 13.52 -15.30 17.92
CA PHE A 51 12.82 -14.57 16.88
C PHE A 51 11.59 -13.86 17.44
N ARG A 52 10.82 -14.54 18.29
CA ARG A 52 9.65 -13.90 18.88
C ARG A 52 10.03 -12.69 19.73
N ARG A 53 11.21 -12.72 20.35
CA ARG A 53 11.60 -11.65 21.25
C ARG A 53 12.00 -10.38 20.50
N PHE A 54 12.60 -10.51 19.32
CA PHE A 54 13.15 -9.36 18.62
C PHE A 54 12.60 -9.13 17.22
N ARG A 55 12.13 -10.18 16.54
CA ARG A 55 11.70 -10.05 15.16
C ARG A 55 10.21 -9.74 15.07
N ARG A 56 9.83 -9.04 14.01
CA ARG A 56 8.44 -8.67 13.77
C ARG A 56 8.13 -8.82 12.29
N PHE A 57 6.90 -9.24 11.99
CA PHE A 57 6.45 -9.36 10.61
C PHE A 57 4.94 -9.22 10.57
N ASP A 58 4.45 -8.30 9.75
CA ASP A 58 3.01 -8.10 9.61
C ASP A 58 2.40 -9.27 8.85
N PRO A 59 1.50 -10.05 9.46
CA PRO A 59 0.90 -11.18 8.73
C PRO A 59 0.01 -10.75 7.58
N GLN A 60 -0.39 -9.48 7.51
CA GLN A 60 -1.21 -9.01 6.40
C GLN A 60 -0.45 -9.07 5.08
N PHE A 61 0.88 -8.97 5.12
CA PHE A 61 1.67 -9.06 3.90
C PHE A 61 1.47 -10.40 3.21
N ALA A 62 1.37 -11.48 3.99
CA ALA A 62 1.13 -12.79 3.41
C ALA A 62 -0.21 -12.84 2.70
N LEU A 63 -1.28 -12.42 3.39
CA LEU A 63 -2.61 -12.43 2.78
C LEU A 63 -2.67 -11.56 1.53
N THR A 64 -1.91 -10.47 1.51
CA THR A 64 -1.86 -9.63 0.32
C THR A 64 -1.08 -10.30 -0.80
N ASN A 65 0.06 -10.91 -0.48
CA ASN A 65 0.89 -11.53 -1.50
C ASN A 65 0.28 -12.81 -2.03
N ILE A 66 -0.32 -13.61 -1.14
CA ILE A 66 -0.96 -14.86 -1.57
C ILE A 66 -2.16 -14.56 -2.47
N ALA A 67 -2.85 -13.45 -2.24
CA ALA A 67 -3.97 -13.11 -3.12
C ALA A 67 -3.50 -12.89 -4.55
N VAL A 68 -2.26 -12.44 -4.74
CA VAL A 68 -1.73 -12.28 -6.09
C VAL A 68 -1.25 -13.63 -6.63
N LEU A 69 -0.71 -14.49 -5.74
CA LEU A 69 -0.38 -15.86 -6.13
C LEU A 69 -1.59 -16.56 -6.74
N LYS A 70 -2.76 -16.38 -6.13
CA LYS A 70 -3.98 -17.00 -6.65
C LYS A 70 -4.34 -16.44 -8.02
N HIS A 71 -4.09 -15.16 -8.23
CA HIS A 71 -4.37 -14.56 -9.53
C HIS A 71 -3.42 -15.09 -10.60
N ASN A 72 -2.12 -15.07 -10.31
CA ASN A 72 -1.14 -15.53 -11.29
C ASN A 72 -1.34 -16.99 -11.65
N LEU A 73 -1.79 -17.81 -10.69
CA LEU A 73 -2.04 -19.22 -10.97
C LEU A 73 -3.10 -19.39 -12.04
N ASN A 74 -4.15 -18.57 -11.99
CA ASN A 74 -5.24 -18.69 -12.96
C ASN A 74 -4.80 -18.32 -14.36
N CYS A 75 -3.84 -17.40 -14.50
CA CYS A 75 -3.42 -17.01 -15.85
C CYS A 75 -2.49 -18.04 -16.47
N VAL A 76 -1.65 -18.68 -15.66
CA VAL A 76 -0.75 -19.70 -16.20
C VAL A 76 -1.47 -21.02 -16.43
N ILE A 77 -2.55 -21.29 -15.69
CA ILE A 77 -3.36 -22.48 -15.95
C ILE A 77 -3.88 -22.46 -17.38
N LYS A 78 -4.41 -21.31 -17.81
CA LYS A 78 -4.90 -21.21 -19.19
C LYS A 78 -3.76 -21.15 -20.19
N ARG A 79 -2.64 -20.53 -19.81
CA ARG A 79 -1.54 -20.36 -20.73
C ARG A 79 -0.79 -21.67 -20.98
N SER A 80 -0.74 -22.54 -19.99
CA SER A 80 -0.02 -23.81 -20.09
C SER A 80 -0.90 -24.95 -20.57
N ASN A 81 -2.07 -24.64 -21.14
CA ASN A 81 -3.01 -25.65 -21.61
C ASN A 81 -3.45 -26.57 -20.47
N SER A 82 -3.58 -25.99 -19.28
CA SER A 82 -3.98 -26.71 -18.06
C SER A 82 -3.00 -27.84 -17.74
N THR A 83 -1.71 -27.54 -17.86
CA THR A 83 -0.67 -28.50 -17.49
C THR A 83 -0.72 -28.70 -15.98
N ALA A 84 -1.20 -29.86 -15.54
CA ALA A 84 -1.32 -30.14 -14.12
C ALA A 84 0.00 -30.64 -13.58
N ALA A 85 0.14 -30.53 -12.26
CA ALA A 85 1.38 -30.95 -11.61
C ALA A 85 1.52 -32.47 -11.67
N THR A 86 2.75 -32.92 -11.85
CA THR A 86 3.07 -34.35 -11.85
C THR A 86 3.56 -34.73 -10.46
N ASN A 87 3.00 -35.80 -9.91
CA ASN A 87 3.35 -36.24 -8.57
C ASN A 87 4.79 -36.75 -8.52
N GLU A 88 5.35 -36.72 -7.31
CA GLU A 88 6.69 -37.21 -7.04
C GLU A 88 6.65 -38.25 -5.93
N VAL A 89 7.57 -39.21 -6.00
CA VAL A 89 7.69 -40.24 -4.99
C VAL A 89 8.57 -39.69 -3.86
N PRO A 90 8.05 -39.54 -2.64
CA PRO A 90 8.83 -38.91 -1.57
C PRO A 90 9.93 -39.83 -1.07
N GLU A 91 10.81 -39.24 -0.25
CA GLU A 91 11.94 -39.93 0.37
C GLU A 91 11.79 -39.77 1.88
N VAL A 92 11.34 -40.84 2.55
CA VAL A 92 11.03 -40.81 3.96
C VAL A 92 12.19 -41.41 4.75
N THR A 93 12.68 -40.66 5.73
CA THR A 93 13.78 -41.09 6.59
C THR A 93 13.42 -40.79 8.03
N VAL A 94 13.57 -41.78 8.91
CA VAL A 94 13.25 -41.65 10.32
C VAL A 94 14.52 -41.84 11.13
N PHE A 95 14.72 -40.98 12.13
CA PHE A 95 15.88 -41.05 13.01
C PHE A 95 15.58 -40.23 14.26
N SER A 96 16.49 -40.31 15.23
CA SER A 96 16.32 -39.62 16.50
C SER A 96 17.22 -38.39 16.56
N LYS A 97 16.77 -37.38 17.31
CA LYS A 97 17.54 -36.15 17.45
C LYS A 97 18.77 -36.35 18.32
N SER A 98 18.69 -37.22 19.31
CA SER A 98 19.76 -37.52 20.23
C SER A 98 19.93 -39.03 20.34
N PRO A 99 21.12 -39.49 20.76
CA PRO A 99 21.29 -40.94 20.99
C PRO A 99 20.30 -41.45 22.02
N VAL A 100 19.72 -42.60 21.73
CA VAL A 100 18.57 -43.11 22.48
C VAL A 100 19.05 -44.00 23.62
N THR A 101 18.65 -43.65 24.84
CA THR A 101 18.82 -44.51 26.02
C THR A 101 17.47 -44.63 26.68
N LEU A 102 17.11 -45.84 27.10
CA LEU A 102 15.78 -46.09 27.64
C LEU A 102 15.52 -45.27 28.90
N GLY A 103 14.29 -44.84 29.07
CA GLY A 103 13.91 -44.00 30.20
C GLY A 103 14.18 -42.52 30.02
N GLN A 104 15.19 -42.17 29.22
CA GLN A 104 15.54 -40.77 29.00
C GLN A 104 14.80 -40.25 27.77
N PRO A 105 13.99 -39.21 27.88
CA PRO A 105 13.16 -38.79 26.74
C PRO A 105 13.99 -38.31 25.56
N ASN A 106 13.42 -38.50 24.37
CA ASN A 106 14.03 -38.09 23.12
C ASN A 106 12.92 -37.65 22.18
N THR A 107 13.27 -37.38 20.92
CA THR A 107 12.26 -37.07 19.92
C THR A 107 12.63 -37.72 18.59
N LEU A 108 11.63 -38.28 17.92
CA LEU A 108 11.81 -38.97 16.66
C LEU A 108 11.55 -38.02 15.50
N ILE A 109 12.47 -37.99 14.54
CA ILE A 109 12.42 -37.06 13.42
C ILE A 109 12.10 -37.85 12.16
N CYS A 110 10.95 -37.57 11.56
CA CYS A 110 10.56 -38.20 10.29
C CYS A 110 10.70 -37.16 9.19
N LEU A 111 11.78 -37.29 8.41
CA LEU A 111 12.05 -36.40 7.29
C LEU A 111 11.41 -36.98 6.04
N VAL A 112 10.56 -36.19 5.38
CA VAL A 112 9.89 -36.60 4.15
C VAL A 112 10.38 -35.64 3.06
N ASP A 113 11.30 -36.12 2.22
CA ASP A 113 11.94 -35.31 1.21
C ASP A 113 11.29 -35.52 -0.15
N ASN A 114 11.56 -34.59 -1.07
CA ASN A 114 11.09 -34.67 -2.46
C ASN A 114 9.57 -34.73 -2.52
N ILE A 115 8.93 -33.81 -1.82
CA ILE A 115 7.47 -33.73 -1.78
C ILE A 115 7.00 -32.83 -2.92
N PHE A 116 6.23 -33.41 -3.84
CA PHE A 116 5.51 -32.59 -4.82
C PHE A 116 4.40 -33.42 -5.46
N PRO A 117 3.16 -32.90 -5.49
CA PRO A 117 2.76 -31.60 -4.95
C PRO A 117 2.71 -31.58 -3.44
N PRO A 118 2.83 -30.39 -2.83
CA PRO A 118 2.83 -30.30 -1.36
C PRO A 118 1.48 -30.63 -0.75
N VAL A 119 1.06 -31.89 -0.89
CA VAL A 119 -0.14 -32.40 -0.24
C VAL A 119 0.24 -33.76 0.33
N VAL A 120 0.33 -33.85 1.66
CA VAL A 120 0.86 -35.05 2.30
C VAL A 120 0.13 -35.27 3.63
N ASN A 121 0.12 -36.52 4.07
CA ASN A 121 -0.42 -36.91 5.37
C ASN A 121 0.64 -37.72 6.10
N ILE A 122 1.08 -37.22 7.26
CA ILE A 122 2.17 -37.79 8.03
C ILE A 122 1.64 -38.17 9.40
N THR A 123 1.78 -39.44 9.76
CA THR A 123 1.29 -39.96 11.03
C THR A 123 2.39 -40.74 11.73
N TRP A 124 2.34 -40.74 13.06
CA TRP A 124 3.19 -41.58 13.88
C TRP A 124 2.35 -42.73 14.44
N LEU A 125 2.88 -43.95 14.32
CA LEU A 125 2.20 -45.14 14.79
C LEU A 125 3.02 -45.78 15.90
N SER A 126 2.38 -46.01 17.05
CA SER A 126 3.02 -46.67 18.18
C SER A 126 2.29 -47.99 18.42
N ASN A 127 2.98 -49.10 18.13
CA ASN A 127 2.40 -50.45 18.22
C ASN A 127 1.10 -50.54 17.42
N GLY A 128 1.13 -49.99 16.21
CA GLY A 128 -0.03 -50.07 15.34
C GLY A 128 -0.99 -48.92 15.53
N HIS A 129 -1.15 -48.49 16.77
CA HIS A 129 -2.08 -47.41 17.09
C HIS A 129 -1.47 -46.05 16.77
N SER A 130 -2.34 -45.11 16.44
CA SER A 130 -1.91 -43.76 16.09
C SER A 130 -1.55 -42.98 17.34
N VAL A 131 -0.54 -42.11 17.21
CA VAL A 131 -0.10 -41.25 18.29
C VAL A 131 -0.74 -39.88 18.13
N THR A 132 -1.20 -39.32 19.25
CA THR A 132 -1.84 -38.01 19.26
C THR A 132 -1.02 -36.94 19.96
N GLU A 133 -0.44 -37.27 21.12
CA GLU A 133 0.28 -36.28 21.90
C GLU A 133 1.74 -36.17 21.43
N GLY A 134 2.33 -35.01 21.70
CA GLY A 134 3.74 -34.79 21.42
C GLY A 134 4.11 -34.87 19.96
N VAL A 135 3.27 -34.34 19.08
CA VAL A 135 3.50 -34.40 17.64
C VAL A 135 3.48 -32.98 17.09
N SER A 136 4.66 -32.48 16.71
CA SER A 136 4.79 -31.20 16.03
C SER A 136 5.23 -31.45 14.59
N GLU A 137 5.12 -30.40 13.78
CA GLU A 137 5.33 -30.52 12.35
C GLU A 137 5.90 -29.22 11.80
N THR A 138 6.80 -29.34 10.83
CA THR A 138 7.37 -28.19 10.15
C THR A 138 6.55 -27.85 8.91
N SER A 139 6.65 -26.59 8.49
CA SER A 139 6.04 -26.18 7.24
C SER A 139 6.75 -26.85 6.07
N PHE A 140 6.12 -26.78 4.89
CA PHE A 140 6.80 -27.19 3.67
C PHE A 140 7.96 -26.26 3.39
N LEU A 141 9.18 -26.79 3.43
CA LEU A 141 10.36 -26.00 3.14
C LEU A 141 10.72 -26.08 1.66
N SER A 142 11.29 -25.01 1.15
CA SER A 142 11.59 -24.91 -0.26
C SER A 142 12.89 -25.63 -0.60
N LYS A 143 13.00 -26.04 -1.86
CA LYS A 143 14.20 -26.65 -2.41
C LYS A 143 14.51 -25.99 -3.75
N SER A 144 15.78 -26.07 -4.14
CA SER A 144 16.22 -25.40 -5.37
C SER A 144 15.56 -25.98 -6.61
N ASP A 145 15.17 -27.26 -6.56
CA ASP A 145 14.43 -27.89 -7.65
C ASP A 145 12.92 -27.64 -7.54
N HIS A 146 12.50 -26.79 -6.61
CA HIS A 146 11.13 -26.34 -6.44
C HIS A 146 10.19 -27.46 -5.98
N SER A 147 10.74 -28.51 -5.39
CA SER A 147 9.97 -29.46 -4.60
C SER A 147 10.08 -29.03 -3.14
N PHE A 148 9.62 -29.89 -2.22
CA PHE A 148 9.57 -29.52 -0.82
C PHE A 148 9.92 -30.72 0.05
N PHE A 149 10.24 -30.44 1.31
CA PHE A 149 10.46 -31.47 2.31
C PHE A 149 9.89 -31.00 3.63
N LYS A 150 9.07 -31.84 4.24
CA LYS A 150 8.45 -31.56 5.53
C LYS A 150 8.97 -32.53 6.57
N ILE A 151 9.18 -32.03 7.79
CA ILE A 151 9.73 -32.81 8.88
C ILE A 151 8.71 -32.87 10.00
N SER A 152 8.39 -34.08 10.45
CA SER A 152 7.51 -34.30 11.58
C SER A 152 8.32 -34.72 12.81
N TYR A 153 7.80 -34.37 13.98
CA TYR A 153 8.50 -34.64 15.24
C TYR A 153 7.58 -35.41 16.19
N LEU A 154 8.18 -36.30 16.96
CA LEU A 154 7.45 -37.10 17.95
C LEU A 154 8.31 -37.22 19.20
N THR A 155 7.92 -36.51 20.25
CA THR A 155 8.59 -36.66 21.55
C THR A 155 8.06 -37.90 22.25
N PHE A 156 8.96 -38.80 22.64
CA PHE A 156 8.57 -40.10 23.16
C PHE A 156 9.47 -40.48 24.33
N LEU A 157 9.00 -41.46 25.10
CA LEU A 157 9.79 -42.06 26.17
C LEU A 157 10.33 -43.39 25.68
N PRO A 158 11.63 -43.52 25.42
CA PRO A 158 12.16 -44.78 24.86
C PRO A 158 11.95 -45.96 25.79
N SER A 159 11.18 -46.94 25.31
CA SER A 159 10.94 -48.19 26.01
C SER A 159 11.16 -49.34 25.04
N ALA A 160 11.86 -50.38 25.50
CA ALA A 160 12.07 -51.55 24.66
C ALA A 160 10.77 -52.27 24.32
N ASP A 161 9.69 -51.95 25.04
CA ASP A 161 8.42 -52.60 24.77
C ASP A 161 7.75 -52.02 23.53
N GLU A 162 7.84 -50.70 23.36
CA GLU A 162 7.10 -49.99 22.33
C GLU A 162 7.99 -49.70 21.13
N ILE A 163 7.39 -49.79 19.93
CA ILE A 163 8.07 -49.46 18.68
C ILE A 163 7.23 -48.43 17.94
N TYR A 164 7.87 -47.71 17.03
CA TYR A 164 7.24 -46.58 16.36
C TYR A 164 7.44 -46.65 14.86
N ASP A 165 6.42 -46.23 14.12
CA ASP A 165 6.45 -46.15 12.67
C ASP A 165 5.92 -44.80 12.21
N CYS A 166 6.58 -44.22 11.20
CA CYS A 166 6.13 -42.97 10.60
C CYS A 166 5.40 -43.31 9.30
N LYS A 167 4.11 -43.02 9.26
CA LYS A 167 3.28 -43.31 8.09
C LYS A 167 3.16 -42.07 7.23
N VAL A 168 3.47 -42.20 5.94
CA VAL A 168 3.43 -41.10 4.99
C VAL A 168 2.52 -41.48 3.84
N GLU A 169 1.60 -40.59 3.49
CA GLU A 169 0.66 -40.80 2.40
C GLU A 169 0.83 -39.70 1.37
N HIS A 170 1.12 -40.08 0.13
CA HIS A 170 1.32 -39.11 -0.93
C HIS A 170 0.77 -39.67 -2.23
N TRP A 171 0.36 -38.76 -3.13
CA TRP A 171 -0.17 -39.19 -4.42
C TRP A 171 0.89 -39.86 -5.28
N GLY A 172 2.15 -39.47 -5.11
CA GLY A 172 3.24 -40.13 -5.81
C GLY A 172 3.54 -41.53 -5.33
N LEU A 173 2.89 -41.97 -4.26
CA LEU A 173 3.04 -43.31 -3.72
C LEU A 173 1.81 -44.14 -4.06
N ASP A 174 2.03 -45.35 -4.56
CA ASP A 174 0.94 -46.27 -4.83
C ASP A 174 0.40 -46.93 -3.57
N GLU A 175 1.04 -46.69 -2.41
CA GLU A 175 0.60 -47.24 -1.14
C GLU A 175 1.20 -46.40 -0.03
N PRO A 176 0.54 -46.31 1.13
CA PRO A 176 1.11 -45.55 2.24
C PRO A 176 2.44 -46.14 2.69
N LEU A 177 3.45 -45.28 2.80
CA LEU A 177 4.81 -45.72 3.10
C LEU A 177 5.02 -45.69 4.61
N LEU A 178 5.31 -46.87 5.17
CA LEU A 178 5.65 -47.01 6.59
C LEU A 178 7.16 -47.10 6.73
N LYS A 179 7.73 -46.26 7.60
CA LYS A 179 9.14 -46.32 7.93
C LYS A 179 9.29 -46.66 9.40
N HIS A 180 9.94 -47.79 9.68
CA HIS A 180 10.03 -48.33 11.02
C HIS A 180 11.27 -47.83 11.74
N TRP A 181 11.15 -47.70 13.06
CA TRP A 181 12.26 -47.32 13.92
C TRP A 181 12.07 -47.98 15.27
N GLU A 182 13.14 -48.58 15.79
CA GLU A 182 13.10 -49.26 17.08
C GLU A 182 14.43 -49.07 17.79
N PRO A 183 14.41 -48.95 19.14
CA PRO A 183 15.60 -48.74 19.96
C PRO A 183 16.73 -49.73 19.70
N GLY B 1 11.70 -2.21 17.58
CA GLY B 1 12.34 -2.98 16.53
C GLY B 1 12.03 -2.47 15.14
N GLN B 2 12.04 -3.36 14.16
CA GLN B 2 11.76 -3.01 12.77
C GLN B 2 10.98 -4.14 12.12
N VAL B 3 9.82 -3.82 11.56
CA VAL B 3 9.00 -4.82 10.89
C VAL B 3 9.69 -5.26 9.60
N GLU B 4 9.86 -6.57 9.44
CA GLU B 4 10.47 -7.11 8.24
C GLU B 4 9.47 -7.16 7.10
N LEU B 5 9.99 -7.30 5.89
CA LEU B 5 9.19 -7.33 4.68
C LEU B 5 9.64 -8.49 3.80
N GLY B 6 8.75 -8.84 2.88
CA GLY B 6 9.03 -9.85 1.87
C GLY B 6 8.93 -9.24 0.49
N GLY B 7 9.45 -9.91 -0.52
CA GLY B 7 9.36 -9.42 -1.89
C GLY B 7 7.94 -9.51 -2.35
N GLY B 8 7.52 -8.55 -3.16
CA GLY B 8 6.15 -8.52 -3.68
C GLY B 8 6.06 -9.32 -4.94
N ASN B 9 4.94 -9.99 -5.12
CA ASN B 9 4.64 -10.85 -6.26
C ASN B 9 3.89 -10.03 -7.28
N ALA B 10 4.52 -9.80 -8.42
CA ALA B 10 3.98 -9.05 -9.55
C ALA B 10 2.73 -9.75 -10.07
N VAL B 11 1.74 -8.98 -10.52
CA VAL B 11 0.46 -9.54 -11.01
C VAL B 11 0.66 -9.98 -12.45
N GLU B 12 -0.12 -10.94 -12.89
CA GLU B 12 0.14 -11.52 -14.21
C GLU B 12 -0.53 -10.72 -15.30
N VAL B 13 -0.26 -11.13 -16.52
CA VAL B 13 -0.70 -10.48 -17.79
C VAL B 13 -2.21 -10.36 -17.89
N CYS B 14 -2.95 -11.44 -17.87
CA CYS B 14 -4.38 -11.34 -18.08
C CYS B 14 -5.09 -10.79 -16.84
N LYS B 15 -6.08 -9.95 -17.07
CA LYS B 15 -6.77 -9.23 -16.00
C LYS B 15 -7.74 -10.13 -15.27
N ARG B 31 -5.70 -39.62 -13.84
CA ARG B 31 -7.04 -40.03 -13.42
C ARG B 31 -6.99 -40.73 -12.06
N ASP B 32 -5.79 -41.15 -11.66
CA ASP B 32 -5.61 -41.83 -10.38
C ASP B 32 -5.81 -40.86 -9.22
N SER B 33 -4.85 -39.96 -9.02
CA SER B 33 -4.91 -38.96 -7.96
C SER B 33 -5.63 -37.72 -8.45
N PRO B 34 -6.17 -36.91 -7.53
CA PRO B 34 -6.80 -35.66 -7.95
C PRO B 34 -5.78 -34.71 -8.57
N GLU B 35 -6.22 -33.95 -9.57
CA GLU B 35 -5.36 -32.97 -10.19
C GLU B 35 -5.06 -31.83 -9.21
N ASP B 36 -3.90 -31.20 -9.40
CA ASP B 36 -3.49 -30.08 -8.58
C ASP B 36 -2.62 -29.16 -9.40
N PHE B 37 -2.83 -27.86 -9.21
CA PHE B 37 -2.07 -26.82 -9.92
C PHE B 37 -1.37 -25.96 -8.88
N VAL B 38 -0.05 -25.91 -8.96
CA VAL B 38 0.79 -25.27 -7.95
C VAL B 38 1.40 -24.01 -8.54
N TYR B 39 1.38 -22.92 -7.79
CA TYR B 39 2.08 -21.69 -8.12
C TYR B 39 2.98 -21.33 -6.95
N GLN B 40 4.23 -20.97 -7.25
CA GLN B 40 5.20 -20.62 -6.22
C GLN B 40 5.87 -19.30 -6.58
N PHE B 41 6.11 -18.48 -5.55
CA PHE B 41 6.91 -17.27 -5.68
C PHE B 41 8.01 -17.33 -4.64
N LYS B 42 9.25 -17.08 -5.07
CA LYS B 42 10.42 -17.18 -4.21
C LYS B 42 11.24 -15.90 -4.32
N GLY B 43 11.36 -15.16 -3.23
CA GLY B 43 12.20 -13.99 -3.19
C GLY B 43 13.54 -14.29 -2.56
N MET B 44 14.52 -14.65 -3.40
CA MET B 44 15.82 -15.11 -2.92
C MET B 44 16.78 -13.92 -2.79
N CYS B 45 17.25 -13.68 -1.57
CA CYS B 45 18.29 -12.70 -1.31
C CYS B 45 19.60 -13.44 -1.05
N TYR B 46 20.65 -13.05 -1.75
CA TYR B 46 21.97 -13.68 -1.63
C TYR B 46 22.95 -12.69 -1.02
N PHE B 47 23.63 -13.12 0.04
CA PHE B 47 24.55 -12.26 0.77
C PHE B 47 25.95 -12.85 0.75
N THR B 48 26.95 -11.98 0.57
CA THR B 48 28.34 -12.37 0.60
C THR B 48 29.14 -11.23 1.22
N ASN B 49 29.97 -11.56 2.22
CA ASN B 49 30.88 -10.59 2.84
C ASN B 49 30.07 -9.43 3.44
N GLY B 50 29.14 -9.80 4.33
CA GLY B 50 28.20 -8.86 4.91
C GLY B 50 27.17 -8.42 3.90
N THR B 51 26.87 -7.11 3.89
CA THR B 51 25.99 -6.53 2.89
C THR B 51 26.78 -5.85 1.77
N GLU B 52 28.07 -6.14 1.66
CA GLU B 52 28.88 -5.53 0.60
C GLU B 52 28.52 -6.10 -0.77
N ARG B 53 27.99 -7.32 -0.81
CA ARG B 53 27.57 -7.96 -2.06
C ARG B 53 26.22 -8.61 -1.82
N VAL B 54 25.15 -7.92 -2.20
CA VAL B 54 23.78 -8.40 -2.05
C VAL B 54 23.17 -8.57 -3.44
N ARG B 55 22.27 -9.54 -3.57
CA ARG B 55 21.65 -9.84 -4.85
C ARG B 55 20.24 -10.37 -4.63
N LEU B 56 19.28 -9.78 -5.32
CA LEU B 56 17.88 -10.17 -5.23
C LEU B 56 17.48 -10.94 -6.49
N VAL B 57 16.96 -12.14 -6.31
CA VAL B 57 16.47 -12.96 -7.42
C VAL B 57 15.08 -13.47 -7.05
N THR B 58 14.05 -12.89 -7.67
CA THR B 58 12.67 -13.31 -7.45
C THR B 58 12.31 -14.38 -8.48
N ARG B 59 11.71 -15.48 -8.03
CA ARG B 59 11.43 -16.63 -8.87
C ARG B 59 9.93 -16.83 -8.97
N TYR B 60 9.43 -16.95 -10.19
CA TYR B 60 8.01 -17.21 -10.45
C TYR B 60 7.88 -18.63 -11.00
N ILE B 61 7.17 -19.47 -10.26
CA ILE B 61 7.11 -20.90 -10.53
C ILE B 61 5.68 -21.31 -10.82
N TYR B 62 5.49 -22.05 -11.91
CA TYR B 62 4.25 -22.78 -12.17
C TYR B 62 4.55 -24.26 -12.02
N ASN B 63 3.85 -24.91 -11.08
CA ASN B 63 4.19 -26.26 -10.65
C ASN B 63 5.66 -26.30 -10.21
N ARG B 64 6.54 -26.78 -11.09
CA ARG B 64 7.98 -26.82 -10.82
C ARG B 64 8.78 -26.14 -11.92
N GLU B 65 8.13 -25.34 -12.75
CA GLU B 65 8.76 -24.71 -13.91
C GLU B 65 8.95 -23.23 -13.62
N GLU B 66 10.20 -22.83 -13.44
CA GLU B 66 10.55 -21.41 -13.30
C GLU B 66 10.50 -20.76 -14.67
N TYR B 67 9.51 -19.90 -14.89
CA TYR B 67 9.31 -19.31 -16.21
C TYR B 67 9.73 -17.85 -16.30
N ALA B 68 9.67 -17.10 -15.20
CA ALA B 68 10.07 -15.70 -15.21
C ALA B 68 10.79 -15.38 -13.91
N ARG B 69 11.83 -14.56 -14.00
CA ARG B 69 12.59 -14.18 -12.82
C ARG B 69 13.15 -12.77 -13.01
N PHE B 70 13.35 -12.09 -11.89
CA PHE B 70 14.05 -10.81 -11.84
C PHE B 70 15.39 -11.02 -11.18
N ASP B 71 16.44 -10.46 -11.76
CA ASP B 71 17.79 -10.56 -11.23
C ASP B 71 18.35 -9.15 -11.07
N SER B 72 18.77 -8.82 -9.85
CA SER B 72 19.35 -7.51 -9.58
C SER B 72 20.65 -7.29 -10.36
N ASP B 73 21.35 -8.38 -10.72
CA ASP B 73 22.52 -8.25 -11.59
C ASP B 73 22.12 -7.93 -13.01
N VAL B 74 20.91 -8.31 -13.43
CA VAL B 74 20.42 -7.96 -14.76
C VAL B 74 19.66 -6.64 -14.73
N GLY B 75 18.83 -6.43 -13.70
CA GLY B 75 18.09 -5.20 -13.56
C GLY B 75 16.68 -5.21 -14.15
N VAL B 76 16.34 -6.22 -14.95
CA VAL B 76 15.03 -6.32 -15.58
C VAL B 76 14.53 -7.75 -15.47
N TYR B 77 13.24 -7.92 -15.74
CA TYR B 77 12.64 -9.25 -15.77
C TYR B 77 13.05 -9.97 -17.05
N ARG B 78 13.55 -11.20 -16.90
CA ARG B 78 13.92 -12.04 -18.03
C ARG B 78 13.10 -13.32 -17.98
N ALA B 79 12.60 -13.73 -19.14
CA ALA B 79 11.86 -14.98 -19.23
C ALA B 79 12.81 -16.17 -19.23
N VAL B 80 12.47 -17.19 -18.46
CA VAL B 80 13.30 -18.38 -18.32
C VAL B 80 12.85 -19.48 -19.28
N THR B 81 11.54 -19.74 -19.34
CA THR B 81 10.98 -20.73 -20.25
C THR B 81 10.04 -20.03 -21.21
N PRO B 82 9.55 -20.72 -22.26
CA PRO B 82 8.56 -20.09 -23.15
C PRO B 82 7.20 -19.89 -22.50
N LEU B 83 7.13 -20.05 -21.18
CA LEU B 83 5.89 -19.86 -20.44
C LEU B 83 5.73 -18.45 -19.89
N GLY B 84 6.81 -17.68 -19.83
CA GLY B 84 6.71 -16.31 -19.37
C GLY B 84 7.38 -15.21 -20.20
N PRO B 85 7.42 -15.32 -21.52
CA PRO B 85 7.69 -14.13 -22.34
C PRO B 85 6.58 -13.10 -22.22
N PRO B 86 5.30 -13.49 -22.20
CA PRO B 86 4.26 -12.47 -21.96
C PRO B 86 4.39 -11.77 -20.62
N ALA B 87 4.67 -12.53 -19.56
CA ALA B 87 4.75 -11.94 -18.22
C ALA B 87 5.97 -11.04 -18.08
N ALA B 88 7.15 -11.52 -18.52
CA ALA B 88 8.37 -10.75 -18.35
C ALA B 88 8.32 -9.45 -19.16
N GLU B 89 7.76 -9.50 -20.37
CA GLU B 89 7.61 -8.28 -21.15
C GLU B 89 6.52 -7.36 -20.58
N TYR B 90 5.57 -7.92 -19.82
CA TYR B 90 4.54 -7.09 -19.21
C TYR B 90 5.07 -6.33 -18.00
N TRP B 91 5.89 -6.99 -17.18
CA TRP B 91 6.44 -6.35 -16.00
C TRP B 91 7.54 -5.35 -16.34
N ASN B 92 8.17 -5.48 -17.51
CA ASN B 92 9.17 -4.51 -17.92
C ASN B 92 8.54 -3.25 -18.52
N SER B 93 7.36 -3.37 -19.11
CA SER B 93 6.66 -2.21 -19.64
C SER B 93 6.00 -1.38 -18.54
N GLN B 94 5.76 -1.96 -17.37
CA GLN B 94 5.20 -1.25 -16.23
C GLN B 94 6.37 -0.68 -15.42
N LYS B 95 6.61 0.62 -15.56
CA LYS B 95 7.75 1.24 -14.89
C LYS B 95 7.61 1.20 -13.38
N GLU B 96 6.38 1.20 -12.86
CA GLU B 96 6.19 1.17 -11.41
C GLU B 96 6.61 -0.17 -10.83
N VAL B 97 6.28 -1.27 -11.52
CA VAL B 97 6.68 -2.59 -11.04
C VAL B 97 8.19 -2.74 -11.09
N LEU B 98 8.84 -2.15 -12.10
CA LEU B 98 10.28 -2.28 -12.24
C LEU B 98 11.02 -1.53 -11.14
N GLU B 99 10.62 -0.29 -10.88
CA GLU B 99 11.30 0.51 -9.86
C GLU B 99 11.10 -0.09 -8.46
N ARG B 100 9.96 -0.72 -8.21
CA ARG B 100 9.72 -1.30 -6.89
C ARG B 100 10.49 -2.60 -6.71
N THR B 101 10.65 -3.38 -7.79
CA THR B 101 11.41 -4.61 -7.69
C THR B 101 12.90 -4.34 -7.51
N ARG B 102 13.43 -3.34 -8.22
CA ARG B 102 14.83 -2.97 -8.04
C ARG B 102 15.08 -2.42 -6.65
N ALA B 103 14.07 -1.82 -6.03
CA ALA B 103 14.23 -1.24 -4.70
C ALA B 103 14.20 -2.27 -3.58
N GLU B 104 13.60 -3.44 -3.82
CA GLU B 104 13.54 -4.47 -2.79
C GLU B 104 14.90 -5.04 -2.43
N LEU B 105 15.94 -4.74 -3.22
CA LEU B 105 17.29 -5.11 -2.82
C LEU B 105 17.67 -4.42 -1.50
N ASP B 106 17.21 -3.18 -1.32
CA ASP B 106 17.34 -2.44 -0.07
C ASP B 106 16.11 -2.55 0.82
N THR B 107 14.91 -2.58 0.21
CA THR B 107 13.68 -2.61 0.98
C THR B 107 13.45 -3.95 1.68
N VAL B 108 13.91 -5.05 1.08
CA VAL B 108 13.69 -6.39 1.62
C VAL B 108 14.99 -7.06 2.00
N CYS B 109 15.94 -7.16 1.07
CA CYS B 109 17.16 -7.92 1.32
C CYS B 109 18.02 -7.23 2.38
N ARG B 110 18.48 -6.01 2.10
CA ARG B 110 19.32 -5.31 3.06
C ARG B 110 18.56 -4.98 4.34
N HIS B 111 17.25 -4.75 4.24
CA HIS B 111 16.47 -4.36 5.41
C HIS B 111 16.33 -5.52 6.40
N ASN B 112 16.01 -6.72 5.89
CA ASN B 112 15.81 -7.86 6.78
C ASN B 112 17.14 -8.40 7.31
N TYR B 113 18.23 -8.20 6.58
CA TYR B 113 19.53 -8.72 7.02
C TYR B 113 20.01 -8.03 8.29
N GLN B 114 19.53 -6.82 8.58
CA GLN B 114 19.91 -6.14 9.82
C GLN B 114 19.48 -6.94 11.04
N LEU B 115 18.35 -7.64 10.96
CA LEU B 115 17.86 -8.45 12.07
C LEU B 115 18.42 -9.86 12.07
N GLU B 116 19.05 -10.29 10.98
CA GLU B 116 19.80 -11.54 11.03
C GLU B 116 21.11 -11.36 11.79
N LEU B 117 21.70 -10.16 11.75
CA LEU B 117 22.88 -9.88 12.55
C LEU B 117 22.57 -9.92 14.04
N ARG B 118 21.36 -9.47 14.42
CA ARG B 118 20.99 -9.42 15.83
C ARG B 118 20.49 -10.76 16.37
N THR B 119 20.00 -11.64 15.50
CA THR B 119 19.40 -12.90 15.95
C THR B 119 20.07 -14.11 15.34
N THR B 120 19.91 -14.34 14.03
CA THR B 120 20.35 -15.60 13.44
C THR B 120 21.88 -15.74 13.46
N LEU B 121 22.58 -14.71 12.98
CA LEU B 121 24.03 -14.79 12.86
C LEU B 121 24.76 -14.78 14.20
N GLN B 122 24.04 -14.63 15.32
CA GLN B 122 24.62 -14.73 16.64
C GLN B 122 24.32 -16.06 17.32
N ARG B 123 23.51 -16.91 16.69
CA ARG B 123 23.14 -18.18 17.30
C ARG B 123 24.32 -19.14 17.31
N ARG B 124 24.63 -19.67 18.49
CA ARG B 124 25.74 -20.61 18.66
C ARG B 124 25.32 -21.65 19.71
N VAL B 125 24.90 -22.82 19.25
CA VAL B 125 24.49 -23.92 20.11
C VAL B 125 25.62 -24.94 20.17
N GLU B 126 26.04 -25.29 21.38
CA GLU B 126 27.15 -26.23 21.53
C GLU B 126 26.69 -27.65 21.22
N PRO B 127 27.49 -28.43 20.51
CA PRO B 127 27.11 -29.80 20.17
C PRO B 127 27.25 -30.75 21.36
N THR B 128 26.44 -31.79 21.35
CA THR B 128 26.51 -32.87 22.34
C THR B 128 27.25 -34.04 21.70
N VAL B 129 28.36 -34.44 22.31
CA VAL B 129 29.25 -35.45 21.77
C VAL B 129 29.18 -36.68 22.66
N THR B 130 28.65 -37.78 22.12
CA THR B 130 28.56 -39.04 22.83
C THR B 130 29.14 -40.15 21.96
N ILE B 131 29.64 -41.20 22.61
CA ILE B 131 30.18 -42.38 21.93
C ILE B 131 29.39 -43.59 22.42
N SER B 132 28.95 -44.43 21.49
CA SER B 132 28.15 -45.59 21.84
C SER B 132 28.30 -46.65 20.75
N PRO B 133 28.35 -47.93 21.13
CA PRO B 133 28.43 -48.98 20.10
C PRO B 133 27.14 -49.09 19.31
N SER B 134 27.25 -49.68 18.13
CA SER B 134 26.10 -49.87 17.25
C SER B 134 25.71 -51.34 17.17
N LEU B 144 31.63 -49.98 14.11
CA LEU B 144 31.51 -50.45 15.49
C LEU B 144 31.22 -49.28 16.42
N LEU B 145 32.21 -48.43 16.64
CA LEU B 145 32.03 -47.25 17.47
C LEU B 145 31.39 -46.11 16.68
N VAL B 146 30.42 -45.44 17.29
CA VAL B 146 29.70 -44.35 16.66
C VAL B 146 29.80 -43.13 17.57
N CYS B 147 30.33 -42.04 17.03
CA CYS B 147 30.41 -40.76 17.75
C CYS B 147 29.32 -39.87 17.23
N SER B 148 28.28 -39.67 18.03
CA SER B 148 27.14 -38.83 17.65
C SER B 148 27.40 -37.40 18.09
N VAL B 149 27.42 -36.49 17.12
CA VAL B 149 27.58 -35.06 17.37
C VAL B 149 26.25 -34.41 17.00
N THR B 150 25.43 -34.09 18.00
CA THR B 150 24.05 -33.68 17.77
C THR B 150 23.79 -32.29 18.34
N ASP B 151 22.74 -31.65 17.81
CA ASP B 151 22.21 -30.40 18.33
C ASP B 151 23.25 -29.30 18.41
N PHE B 152 23.62 -28.73 17.26
CA PHE B 152 24.56 -27.61 17.23
C PHE B 152 24.19 -26.69 16.08
N TYR B 153 24.62 -25.43 16.20
CA TYR B 153 24.39 -24.41 15.20
C TYR B 153 25.49 -23.38 15.33
N PRO B 154 26.06 -22.87 14.22
CA PRO B 154 25.71 -23.16 12.82
C PRO B 154 26.24 -24.50 12.30
N ALA B 155 26.32 -24.61 10.97
CA ALA B 155 26.56 -25.89 10.31
C ALA B 155 28.01 -26.34 10.35
N GLN B 156 28.96 -25.42 10.52
CA GLN B 156 30.37 -25.78 10.45
C GLN B 156 30.76 -26.67 11.63
N ILE B 157 31.33 -27.84 11.33
CA ILE B 157 31.76 -28.76 12.36
C ILE B 157 32.92 -29.59 11.80
N LYS B 158 33.75 -30.11 12.71
CA LYS B 158 34.93 -30.89 12.34
C LYS B 158 35.08 -32.00 13.36
N VAL B 159 34.92 -33.25 12.91
CA VAL B 159 34.91 -34.41 13.78
C VAL B 159 36.00 -35.38 13.31
N ARG B 160 37.02 -35.59 14.15
CA ARG B 160 38.08 -36.54 13.85
C ARG B 160 38.03 -37.70 14.84
N TRP B 161 38.46 -38.87 14.38
CA TRP B 161 38.59 -40.06 15.21
C TRP B 161 40.07 -40.31 15.50
N PHE B 162 40.36 -40.68 16.75
CA PHE B 162 41.72 -40.97 17.18
C PHE B 162 41.75 -42.26 17.98
N ARG B 163 42.80 -43.06 17.75
CA ARG B 163 43.02 -44.29 18.51
C ARG B 163 44.39 -44.21 19.17
N ASN B 164 44.42 -44.16 20.50
CA ASN B 164 45.64 -44.22 21.31
C ASN B 164 46.50 -43.00 20.97
N ASP B 165 47.77 -43.17 20.61
CA ASP B 165 48.71 -42.06 20.50
C ASP B 165 48.45 -41.19 19.28
N GLN B 166 47.37 -40.43 19.33
CA GLN B 166 47.07 -39.42 18.30
C GLN B 166 47.06 -40.02 16.90
N GLU B 167 46.47 -41.21 16.77
CA GLU B 167 46.38 -41.89 15.49
C GLU B 167 45.05 -41.54 14.84
N GLU B 168 45.07 -40.55 13.95
CA GLU B 168 43.86 -40.19 13.22
C GLU B 168 43.52 -41.26 12.21
N THR B 169 42.69 -42.23 12.61
CA THR B 169 42.31 -43.31 11.71
C THR B 169 41.39 -42.78 10.61
N THR B 170 41.72 -43.10 9.36
CA THR B 170 40.95 -42.62 8.22
C THR B 170 39.82 -43.55 7.81
N GLY B 171 39.88 -44.82 8.18
CA GLY B 171 38.82 -45.76 7.86
C GLY B 171 37.55 -45.50 8.64
N VAL B 172 36.90 -44.37 8.37
CA VAL B 172 35.70 -43.95 9.08
C VAL B 172 34.57 -43.78 8.08
N VAL B 173 33.35 -43.85 8.60
CA VAL B 173 32.13 -43.58 7.83
C VAL B 173 31.39 -42.46 8.53
N SER B 174 31.15 -41.37 7.81
CA SER B 174 30.45 -40.22 8.36
C SER B 174 29.24 -39.89 7.47
N THR B 175 28.11 -39.63 8.11
CA THR B 175 26.93 -39.22 7.40
C THR B 175 27.10 -37.81 6.85
N PRO B 176 26.30 -37.42 5.85
CA PRO B 176 26.24 -36.01 5.48
C PRO B 176 25.65 -35.19 6.63
N LEU B 177 25.87 -33.88 6.55
CA LEU B 177 25.34 -32.99 7.58
C LEU B 177 23.83 -33.09 7.63
N ILE B 178 23.31 -33.58 8.76
CA ILE B 178 21.89 -33.82 8.92
C ILE B 178 21.23 -32.57 9.48
N ARG B 179 20.20 -32.10 8.79
CA ARG B 179 19.42 -30.93 9.22
C ARG B 179 18.17 -31.43 9.92
N ASN B 180 18.09 -31.20 11.22
CA ASN B 180 16.93 -31.66 11.99
C ASN B 180 15.68 -30.83 11.72
N GLY B 181 15.83 -29.64 11.13
CA GLY B 181 14.71 -28.79 10.83
C GLY B 181 14.24 -27.92 11.96
N ASP B 182 14.98 -27.85 13.06
CA ASP B 182 14.64 -27.01 14.21
C ASP B 182 15.82 -26.14 14.59
N TRP B 183 16.57 -25.69 13.58
CA TRP B 183 17.73 -24.81 13.76
C TRP B 183 18.84 -25.50 14.55
N THR B 184 18.91 -26.83 14.44
CA THR B 184 20.00 -27.61 15.01
C THR B 184 20.47 -28.62 13.99
N PHE B 185 21.76 -28.93 14.02
CA PHE B 185 22.37 -29.89 13.12
C PHE B 185 22.83 -31.13 13.90
N GLN B 186 23.23 -32.14 13.14
CA GLN B 186 23.58 -33.44 13.71
C GLN B 186 24.41 -34.19 12.70
N ILE B 187 25.45 -34.88 13.17
CA ILE B 187 26.30 -35.69 12.30
C ILE B 187 26.79 -36.89 13.09
N LEU B 188 26.78 -38.06 12.46
CA LEU B 188 27.11 -39.32 13.11
C LEU B 188 28.28 -39.95 12.36
N VAL B 189 29.48 -39.84 12.93
CA VAL B 189 30.67 -40.47 12.36
C VAL B 189 30.84 -41.84 12.97
N MET B 190 31.31 -42.79 12.16
CA MET B 190 31.45 -44.17 12.58
C MET B 190 32.86 -44.66 12.30
N LEU B 191 33.45 -45.35 13.27
CA LEU B 191 34.81 -45.88 13.16
C LEU B 191 34.78 -47.40 13.29
N GLU B 192 35.44 -48.07 12.34
CA GLU B 192 35.54 -49.53 12.33
C GLU B 192 37.00 -49.90 12.57
N MET B 193 37.32 -50.37 13.77
CA MET B 193 38.67 -50.74 14.14
C MET B 193 38.64 -52.02 14.96
N THR B 194 39.82 -52.63 15.13
CA THR B 194 39.99 -53.82 15.93
C THR B 194 40.49 -53.42 17.31
N PRO B 195 39.64 -53.36 18.34
CA PRO B 195 40.07 -52.86 19.64
C PRO B 195 40.75 -53.94 20.46
N GLN B 196 42.03 -53.73 20.76
CA GLN B 196 42.72 -54.59 21.71
C GLN B 196 42.34 -54.21 23.14
N ARG B 197 42.83 -54.99 24.10
CA ARG B 197 42.48 -54.76 25.49
C ARG B 197 43.10 -53.51 26.08
N GLY B 198 44.01 -52.85 25.36
CA GLY B 198 44.67 -51.68 25.90
C GLY B 198 44.61 -50.45 25.02
N ASP B 199 43.62 -50.40 24.13
CA ASP B 199 43.48 -49.25 23.25
C ASP B 199 42.65 -48.15 23.92
N VAL B 200 42.67 -46.97 23.30
CA VAL B 200 41.86 -45.83 23.72
C VAL B 200 41.33 -45.15 22.47
N TYR B 201 40.02 -44.90 22.43
CA TYR B 201 39.38 -44.24 21.29
C TYR B 201 38.81 -42.91 21.76
N THR B 202 39.20 -41.82 21.11
CA THR B 202 38.74 -40.49 21.45
C THR B 202 38.10 -39.84 20.22
N CYS B 203 36.98 -39.15 20.44
CA CYS B 203 36.30 -38.41 19.40
C CYS B 203 36.63 -36.93 19.55
N HIS B 204 37.30 -36.36 18.56
CA HIS B 204 37.72 -34.97 18.58
C HIS B 204 36.76 -34.13 17.75
N VAL B 205 36.11 -33.17 18.40
CA VAL B 205 35.06 -32.37 17.76
C VAL B 205 35.40 -30.90 17.90
N GLU B 206 35.31 -30.17 16.79
CA GLU B 206 35.51 -28.72 16.77
C GLU B 206 34.27 -28.04 16.21
N HIS B 207 33.91 -26.90 16.80
CA HIS B 207 32.74 -26.13 16.40
C HIS B 207 33.00 -24.66 16.70
N PRO B 208 32.52 -23.74 15.87
CA PRO B 208 32.75 -22.31 16.15
C PRO B 208 32.23 -21.85 17.50
N SER B 209 31.26 -22.55 18.10
CA SER B 209 30.77 -22.20 19.42
C SER B 209 31.71 -22.62 20.54
N LEU B 210 32.72 -23.42 20.24
CA LEU B 210 33.62 -23.97 21.26
C LEU B 210 34.94 -23.22 21.21
N GLN B 211 35.35 -22.67 22.36
CA GLN B 211 36.67 -22.06 22.46
C GLN B 211 37.77 -23.11 22.46
N ASN B 212 37.46 -24.32 22.91
CA ASN B 212 38.38 -25.45 22.88
C ASN B 212 37.61 -26.68 22.44
N PRO B 213 38.28 -27.60 21.74
CA PRO B 213 37.56 -28.75 21.18
C PRO B 213 37.05 -29.69 22.25
N ILE B 214 35.95 -30.38 21.93
CA ILE B 214 35.36 -31.37 22.82
C ILE B 214 35.95 -32.74 22.49
N ILE B 215 36.40 -33.45 23.52
CA ILE B 215 37.00 -34.77 23.37
C ILE B 215 36.27 -35.73 24.29
N VAL B 216 35.96 -36.92 23.77
CA VAL B 216 35.25 -37.96 24.51
C VAL B 216 36.03 -39.26 24.33
N GLU B 217 36.43 -39.88 25.44
CA GLU B 217 37.27 -41.07 25.40
C GLU B 217 36.43 -42.35 25.35
N TRP B 218 37.13 -43.46 25.15
CA TRP B 218 36.51 -44.79 25.13
C TRP B 218 37.60 -45.80 25.53
N ARG B 219 37.15 -46.98 25.94
CA ARG B 219 38.06 -48.05 26.37
C ARG B 219 39.13 -48.31 25.32
N GLN C 4 2.82 7.26 12.57
CA GLN C 4 2.19 7.94 11.45
C GLN C 4 3.13 8.97 10.82
N VAL C 5 2.56 9.94 10.11
CA VAL C 5 3.34 10.91 9.34
C VAL C 5 2.77 12.30 9.55
N THR C 6 3.65 13.30 9.54
CA THR C 6 3.28 14.69 9.75
C THR C 6 4.11 15.58 8.82
N GLN C 7 3.46 16.54 8.20
CA GLN C 7 4.11 17.47 7.27
C GLN C 7 4.13 18.87 7.86
N SER C 8 5.22 19.59 7.60
CA SER C 8 5.41 20.95 8.09
C SER C 8 6.01 21.80 6.97
N PRO C 9 5.55 23.06 6.82
CA PRO C 9 4.47 23.68 7.58
C PRO C 9 3.08 23.31 7.04
N GLU C 10 2.04 23.48 7.85
CA GLU C 10 0.69 23.17 7.40
C GLU C 10 0.23 24.16 6.34
N ALA C 11 0.55 25.44 6.52
CA ALA C 11 0.24 26.47 5.54
C ALA C 11 1.54 27.10 5.05
N LEU C 12 1.50 27.58 3.80
CA LEU C 12 2.70 28.19 3.21
C LEU C 12 2.23 29.13 2.10
N ARG C 13 2.26 30.43 2.39
CA ARG C 13 1.97 31.46 1.42
C ARG C 13 3.27 32.16 1.06
N LEU C 14 3.63 32.15 -0.22
CA LEU C 14 4.86 32.75 -0.68
C LEU C 14 4.63 33.44 -2.01
N GLN C 15 5.32 34.56 -2.22
CA GLN C 15 5.19 35.31 -3.45
C GLN C 15 5.77 34.53 -4.62
N GLU C 16 5.30 34.88 -5.82
CA GLU C 16 5.73 34.18 -7.04
C GLU C 16 7.21 34.41 -7.29
N GLY C 17 7.94 33.32 -7.53
CA GLY C 17 9.33 33.36 -7.90
C GLY C 17 10.28 32.85 -6.83
N GLU C 18 9.92 33.00 -5.56
CA GLU C 18 10.80 32.58 -4.48
C GLU C 18 10.73 31.08 -4.27
N SER C 19 11.89 30.45 -4.11
CA SER C 19 11.96 29.02 -3.89
C SER C 19 11.70 28.69 -2.42
N SER C 20 11.29 27.44 -2.19
CA SER C 20 11.00 26.98 -0.84
C SER C 20 11.11 25.46 -0.82
N SER C 21 10.89 24.88 0.36
CA SER C 21 10.97 23.44 0.55
C SER C 21 9.85 22.98 1.47
N LEU C 22 9.27 21.84 1.15
CA LEU C 22 8.23 21.22 1.96
C LEU C 22 8.82 20.02 2.69
N ASN C 23 8.34 19.79 3.91
CA ASN C 23 8.87 18.74 4.76
C ASN C 23 7.82 17.69 5.05
N CYS C 24 8.26 16.44 5.18
CA CYS C 24 7.38 15.32 5.49
C CYS C 24 8.16 14.36 6.39
N SER C 25 7.85 14.40 7.68
CA SER C 25 8.48 13.54 8.68
C SER C 25 7.57 12.35 8.96
N TYR C 26 8.11 11.14 8.81
CA TYR C 26 7.35 9.91 8.97
C TYR C 26 7.99 9.03 10.03
N THR C 27 7.17 8.22 10.69
CA THR C 27 7.63 7.24 11.68
C THR C 27 6.81 5.97 11.46
N VAL C 28 7.30 5.10 10.58
CA VAL C 28 6.67 3.83 10.28
C VAL C 28 7.73 2.74 10.32
N SER C 29 7.27 1.51 10.52
CA SER C 29 8.15 0.34 10.58
C SER C 29 7.96 -0.46 9.30
N GLY C 30 9.06 -0.72 8.58
CA GLY C 30 8.98 -1.43 7.32
C GLY C 30 8.44 -0.58 6.20
N LEU C 31 9.11 0.52 5.89
CA LEU C 31 8.66 1.43 4.85
C LEU C 31 8.79 0.77 3.49
N ARG C 32 7.69 0.75 2.72
CA ARG C 32 7.70 0.23 1.37
C ARG C 32 7.76 1.32 0.31
N GLY C 33 7.48 2.57 0.67
CA GLY C 33 7.55 3.66 -0.27
C GLY C 33 6.86 4.91 0.22
N LEU C 34 7.44 6.07 -0.05
CA LEU C 34 6.87 7.36 0.33
C LEU C 34 6.34 8.05 -0.92
N PHE C 35 5.12 8.54 -0.85
CA PHE C 35 4.44 9.15 -1.99
C PHE C 35 4.22 10.63 -1.74
N TRP C 36 4.38 11.43 -2.79
CA TRP C 36 4.00 12.83 -2.78
C TRP C 36 2.83 13.05 -3.73
N TYR C 37 1.85 13.83 -3.28
CA TYR C 37 0.67 14.11 -4.08
C TYR C 37 0.39 15.60 -4.08
N ARG C 38 -0.46 16.02 -5.01
CA ARG C 38 -0.89 17.39 -5.16
C ARG C 38 -2.39 17.39 -5.34
N GLN C 39 -3.08 18.23 -4.56
CA GLN C 39 -4.55 18.24 -4.59
C GLN C 39 -5.07 19.66 -4.63
N ASP C 40 -5.94 19.93 -5.59
CA ASP C 40 -6.76 21.12 -5.69
C ASP C 40 -8.02 20.93 -4.84
N PRO C 41 -8.64 22.01 -4.35
CA PRO C 41 -9.66 21.86 -3.29
C PRO C 41 -10.79 20.89 -3.63
N GLY C 42 -11.35 20.98 -4.83
CA GLY C 42 -12.48 20.14 -5.17
C GLY C 42 -12.07 18.90 -5.93
N LYS C 43 -10.86 18.91 -6.46
CA LYS C 43 -10.35 17.82 -7.29
C LYS C 43 -9.86 16.66 -6.43
N GLY C 44 -9.37 15.63 -7.09
CA GLY C 44 -8.71 14.53 -6.43
C GLY C 44 -7.20 14.73 -6.45
N PRO C 45 -6.49 13.97 -5.63
CA PRO C 45 -5.04 14.14 -5.54
C PRO C 45 -4.35 13.76 -6.84
N GLU C 46 -3.37 14.57 -7.23
CA GLU C 46 -2.57 14.34 -8.43
C GLU C 46 -1.23 13.75 -8.02
N PHE C 47 -0.84 12.65 -8.66
CA PHE C 47 0.41 11.97 -8.33
C PHE C 47 1.61 12.83 -8.68
N LEU C 48 2.67 12.68 -7.89
CA LEU C 48 3.91 13.41 -8.11
C LEU C 48 5.13 12.49 -8.12
N PHE C 49 5.47 11.93 -6.96
CA PHE C 49 6.68 11.13 -6.83
C PHE C 49 6.41 9.88 -6.00
N THR C 50 7.36 8.95 -6.06
CA THR C 50 7.37 7.76 -5.22
C THR C 50 8.81 7.44 -4.88
N LEU C 51 9.19 7.60 -3.61
CA LEU C 51 10.55 7.37 -3.15
C LEU C 51 10.59 6.07 -2.34
N TYR C 52 11.56 5.22 -2.66
CA TYR C 52 11.67 3.91 -2.02
C TYR C 52 12.81 3.83 -1.02
N SER C 53 14.03 4.16 -1.43
CA SER C 53 15.22 4.03 -0.59
C SER C 53 15.66 5.39 -0.07
N ALA C 54 16.40 5.36 1.03
CA ALA C 54 16.96 6.58 1.58
C ALA C 54 18.03 7.15 0.66
N GLY C 55 18.16 8.47 0.67
CA GLY C 55 19.09 9.12 -0.22
C GLY C 55 18.71 9.13 -1.68
N GLU C 56 17.46 8.79 -1.99
CA GLU C 56 16.99 8.77 -3.37
C GLU C 56 16.46 10.15 -3.76
N GLU C 57 16.95 10.66 -4.89
CA GLU C 57 16.51 11.95 -5.41
C GLU C 57 15.83 11.73 -6.76
N LYS C 58 14.61 12.24 -6.89
CA LYS C 58 13.85 12.18 -8.13
C LYS C 58 13.29 13.56 -8.42
N GLU C 59 13.61 14.09 -9.60
CA GLU C 59 13.30 15.47 -9.95
C GLU C 59 12.42 15.50 -11.19
N LYS C 60 11.29 16.20 -11.09
CA LYS C 60 10.34 16.32 -12.20
C LYS C 60 9.91 17.77 -12.35
N GLU C 61 10.27 18.38 -13.47
CA GLU C 61 9.91 19.76 -13.82
C GLU C 61 10.49 20.68 -12.74
N ARG C 62 9.71 21.59 -12.17
CA ARG C 62 10.19 22.50 -11.13
C ARG C 62 10.08 21.92 -9.72
N LEU C 63 9.99 20.60 -9.60
CA LEU C 63 9.86 19.94 -8.31
C LEU C 63 10.99 18.93 -8.13
N LYS C 64 11.32 18.65 -6.87
CA LYS C 64 12.36 17.69 -6.54
C LYS C 64 12.02 17.04 -5.21
N ALA C 65 12.00 15.71 -5.19
CA ALA C 65 11.64 14.93 -4.01
C ALA C 65 12.88 14.22 -3.48
N THR C 66 13.20 14.45 -2.22
CA THR C 66 14.33 13.81 -1.56
C THR C 66 13.81 12.97 -0.40
N LEU C 67 14.42 11.81 -0.19
CA LEU C 67 14.03 10.91 0.89
C LEU C 67 15.23 10.63 1.79
N THR C 68 14.97 10.62 3.10
CA THR C 68 15.96 10.23 4.10
C THR C 68 15.36 9.17 5.00
N LYS C 69 16.14 8.72 5.99
CA LYS C 69 15.64 7.71 6.91
C LYS C 69 14.64 8.27 7.90
N LYS C 70 14.57 9.59 8.05
CA LYS C 70 13.68 10.21 9.03
C LYS C 70 12.64 11.13 8.42
N GLU C 71 12.88 11.70 7.24
CA GLU C 71 11.95 12.67 6.67
C GLU C 71 12.13 12.69 5.16
N SER C 72 11.29 13.49 4.50
CA SER C 72 11.34 13.64 3.05
C SER C 72 11.09 15.10 2.70
N PHE C 73 11.85 15.61 1.74
CA PHE C 73 11.76 16.99 1.30
C PHE C 73 11.21 17.06 -0.12
N LEU C 74 10.35 18.04 -0.36
CA LEU C 74 9.81 18.33 -1.69
C LEU C 74 10.12 19.79 -2.02
N HIS C 75 11.19 20.01 -2.76
CA HIS C 75 11.66 21.36 -3.06
C HIS C 75 10.94 21.91 -4.28
N ILE C 76 10.61 23.20 -4.23
CA ILE C 76 9.92 23.89 -5.31
C ILE C 76 10.83 25.01 -5.82
N THR C 77 10.99 25.08 -7.14
CA THR C 77 11.89 26.05 -7.77
C THR C 77 11.07 26.98 -8.64
N ALA C 78 11.08 28.28 -8.31
CA ALA C 78 10.39 29.33 -9.04
C ALA C 78 8.94 28.95 -9.28
N PRO C 79 8.10 28.92 -8.24
CA PRO C 79 6.73 28.45 -8.42
C PRO C 79 5.88 29.44 -9.19
N LYS C 80 4.74 28.94 -9.67
CA LYS C 80 3.77 29.72 -10.42
C LYS C 80 2.44 29.67 -9.67
N PRO C 81 1.46 30.51 -10.03
CA PRO C 81 0.15 30.42 -9.37
C PRO C 81 -0.53 29.07 -9.51
N GLU C 82 -0.22 28.32 -10.57
CA GLU C 82 -0.78 26.97 -10.71
C GLU C 82 -0.23 26.03 -9.66
N ASP C 83 1.01 26.25 -9.21
CA ASP C 83 1.60 25.43 -8.17
C ASP C 83 0.86 25.52 -6.85
N SER C 84 -0.07 26.46 -6.70
CA SER C 84 -0.86 26.59 -5.48
C SER C 84 -1.80 25.41 -5.34
N ALA C 85 -1.54 24.56 -4.36
CA ALA C 85 -2.37 23.39 -4.09
C ALA C 85 -1.97 22.83 -2.74
N THR C 86 -2.75 21.85 -2.27
CA THR C 86 -2.45 21.15 -1.03
C THR C 86 -1.56 19.94 -1.37
N TYR C 87 -0.28 20.06 -1.07
CA TYR C 87 0.68 19.00 -1.36
C TYR C 87 0.61 17.95 -0.25
N LEU C 88 0.22 16.73 -0.61
CA LEU C 88 -0.02 15.67 0.34
C LEU C 88 1.13 14.65 0.31
N CYS C 89 1.52 14.18 1.49
CA CYS C 89 2.58 13.20 1.66
C CYS C 89 1.99 11.92 2.23
N ALA C 90 2.36 10.78 1.65
CA ALA C 90 1.85 9.49 2.08
C ALA C 90 2.99 8.50 2.21
N VAL C 91 2.80 7.51 3.08
CA VAL C 91 3.75 6.43 3.28
C VAL C 91 2.99 5.10 3.19
N GLN C 92 3.70 4.07 2.71
CA GLN C 92 3.16 2.72 2.63
C GLN C 92 4.12 1.81 3.40
N ALA C 93 3.60 1.15 4.42
CA ALA C 93 4.45 0.33 5.29
C ALA C 93 3.69 -0.92 5.70
N GLY C 94 4.45 -1.94 6.09
CA GLY C 94 3.85 -3.16 6.58
C GLY C 94 3.25 -3.99 5.45
N GLY C 95 2.22 -4.76 5.80
CA GLY C 95 1.58 -5.63 4.84
C GLY C 95 0.33 -5.04 4.23
N ASN C 96 -0.17 -3.95 4.82
CA ASN C 96 -1.35 -3.29 4.30
C ASN C 96 -0.94 -2.34 3.18
N ASN C 97 -1.60 -2.48 2.03
CA ASN C 97 -1.30 -1.65 0.86
C ASN C 97 -1.94 -0.27 0.93
N ARG C 98 -2.45 0.12 2.10
CA ARG C 98 -3.07 1.43 2.26
C ARG C 98 -2.00 2.54 2.17
N LEU C 99 -2.48 3.78 2.17
CA LEU C 99 -1.62 4.96 2.15
C LEU C 99 -1.94 5.80 3.37
N ALA C 100 -0.96 5.96 4.25
CA ALA C 100 -1.09 6.83 5.42
C ALA C 100 -0.71 8.25 4.99
N PHE C 101 -1.72 9.07 4.71
CA PHE C 101 -1.48 10.43 4.27
C PHE C 101 -1.25 11.35 5.45
N GLY C 102 -0.40 12.36 5.23
CA GLY C 102 -0.25 13.42 6.19
C GLY C 102 -1.43 14.38 6.11
N LYS C 103 -1.26 15.53 6.78
CA LYS C 103 -2.30 16.54 6.76
C LYS C 103 -2.12 17.58 5.67
N GLY C 104 -1.00 17.54 4.94
CA GLY C 104 -0.81 18.38 3.78
C GLY C 104 -0.15 19.70 4.09
N ASN C 105 0.28 20.37 3.02
CA ASN C 105 0.85 21.72 3.08
C ASN C 105 0.01 22.61 2.15
N GLN C 106 -0.90 23.38 2.73
CA GLN C 106 -1.71 24.30 1.93
C GLN C 106 -0.84 25.37 1.33
N VAL C 107 -0.31 25.12 0.14
CA VAL C 107 0.58 26.06 -0.54
C VAL C 107 -0.26 27.03 -1.36
N VAL C 108 0.02 28.33 -1.18
CA VAL C 108 -0.61 29.38 -1.97
C VAL C 108 0.49 30.24 -2.56
N VAL C 109 0.59 30.26 -3.89
CA VAL C 109 1.54 31.08 -4.61
C VAL C 109 0.77 32.26 -5.20
N ILE C 110 1.09 33.46 -4.75
CA ILE C 110 0.35 34.66 -5.14
C ILE C 110 1.03 35.30 -6.35
N PRO C 111 0.27 35.73 -7.36
CA PRO C 111 0.90 36.34 -8.54
C PRO C 111 1.43 37.72 -8.24
N ASN C 112 2.46 38.12 -8.99
CA ASN C 112 3.07 39.44 -8.83
C ASN C 112 2.28 40.46 -9.65
N ILE C 113 1.53 41.32 -8.97
CA ILE C 113 0.77 42.36 -9.65
C ILE C 113 1.73 43.45 -10.10
N GLN C 114 1.77 43.71 -11.40
CA GLN C 114 2.74 44.65 -11.95
C GLN C 114 2.34 46.09 -11.63
N ASN C 115 1.14 46.50 -12.03
CA ASN C 115 0.65 47.87 -11.85
C ASN C 115 -0.53 47.88 -10.90
N PRO C 116 -0.30 47.96 -9.60
CA PRO C 116 -1.42 48.03 -8.65
C PRO C 116 -2.06 49.41 -8.65
N ASP C 117 -3.37 49.42 -8.41
CA ASP C 117 -4.14 50.66 -8.35
C ASP C 117 -5.44 50.41 -7.60
N PRO C 118 -5.39 50.29 -6.28
CA PRO C 118 -6.59 49.90 -5.52
C PRO C 118 -7.69 50.95 -5.62
N ALA C 119 -8.90 50.48 -5.89
CA ALA C 119 -10.07 51.34 -5.98
C ALA C 119 -11.31 50.53 -5.65
N VAL C 120 -12.34 51.22 -5.18
CA VAL C 120 -13.61 50.60 -4.80
C VAL C 120 -14.71 51.21 -5.66
N TYR C 121 -15.43 50.36 -6.39
CA TYR C 121 -16.53 50.79 -7.24
C TYR C 121 -17.82 50.17 -6.75
N GLN C 122 -18.94 50.77 -7.15
CA GLN C 122 -20.26 50.24 -6.91
C GLN C 122 -20.89 49.86 -8.23
N LEU C 123 -21.21 48.58 -8.39
CA LEU C 123 -21.77 48.11 -9.65
C LEU C 123 -23.27 48.36 -9.70
N ARG C 124 -23.79 48.44 -10.94
CA ARG C 124 -25.20 48.74 -11.15
C ARG C 124 -26.07 47.64 -10.56
N ASP C 125 -27.16 48.05 -9.92
CA ASP C 125 -28.07 47.11 -9.30
C ASP C 125 -28.69 46.18 -10.34
N SER C 126 -29.14 45.02 -9.87
CA SER C 126 -29.77 44.03 -10.72
C SER C 126 -31.29 44.16 -10.64
N LYS C 127 -31.96 43.70 -11.70
CA LYS C 127 -33.42 43.70 -11.72
C LYS C 127 -34.01 42.53 -10.94
N SER C 128 -33.18 41.61 -10.46
CA SER C 128 -33.64 40.45 -9.71
C SER C 128 -32.90 40.31 -8.38
N SER C 129 -32.51 41.44 -7.78
CA SER C 129 -31.77 41.40 -6.53
C SER C 129 -31.92 42.74 -5.83
N ASP C 130 -31.99 42.70 -4.50
CA ASP C 130 -32.13 43.89 -3.67
C ASP C 130 -30.82 44.31 -3.01
N LYS C 131 -29.70 43.77 -3.47
CA LYS C 131 -28.40 44.01 -2.88
C LYS C 131 -27.67 45.12 -3.63
N SER C 132 -26.69 45.71 -2.94
CA SER C 132 -25.81 46.72 -3.52
C SER C 132 -24.38 46.20 -3.41
N VAL C 133 -23.82 45.77 -4.53
CA VAL C 133 -22.51 45.13 -4.54
C VAL C 133 -21.42 46.18 -4.69
N CYS C 134 -20.33 45.98 -3.94
CA CYS C 134 -19.14 46.83 -4.04
C CYS C 134 -17.97 45.98 -4.51
N LEU C 135 -17.10 46.58 -5.32
CA LEU C 135 -15.97 45.88 -5.91
C LEU C 135 -14.67 46.53 -5.46
N PHE C 136 -13.89 45.79 -4.67
CA PHE C 136 -12.53 46.18 -4.32
C PHE C 136 -11.60 45.40 -5.23
N THR C 137 -10.90 46.12 -6.12
CA THR C 137 -10.10 45.48 -7.16
C THR C 137 -8.79 46.22 -7.35
N ASP C 138 -7.87 45.56 -8.06
CA ASP C 138 -6.61 46.15 -8.52
C ASP C 138 -5.68 46.48 -7.35
N PHE C 139 -5.69 45.64 -6.31
CA PHE C 139 -4.80 45.84 -5.18
C PHE C 139 -3.64 44.84 -5.24
N ASP C 140 -2.76 44.93 -4.25
CA ASP C 140 -1.56 44.10 -4.21
C ASP C 140 -1.92 42.63 -3.97
N SER C 141 -0.90 41.77 -4.08
CA SER C 141 -1.10 40.36 -3.82
C SER C 141 -1.11 40.03 -2.33
N GLN C 142 -0.44 40.85 -1.52
CA GLN C 142 -0.38 40.65 -0.07
C GLN C 142 -1.23 41.72 0.59
N THR C 143 -2.54 41.54 0.54
CA THR C 143 -3.50 42.42 1.18
C THR C 143 -4.56 41.59 1.87
N ASN C 144 -4.92 41.98 3.09
CA ASN C 144 -5.89 41.24 3.89
C ASN C 144 -7.30 41.79 3.66
N VAL C 145 -8.26 40.87 3.59
CA VAL C 145 -9.67 41.20 3.44
C VAL C 145 -10.45 40.47 4.52
N SER C 146 -11.08 41.22 5.42
CA SER C 146 -11.85 40.66 6.52
C SER C 146 -13.33 40.98 6.35
N GLN C 147 -14.17 40.07 6.83
CA GLN C 147 -15.61 40.25 6.73
C GLN C 147 -16.11 41.11 7.90
N SER C 148 -17.41 41.41 7.88
CA SER C 148 -18.05 42.26 8.88
C SER C 148 -17.39 43.63 8.97
N SER C 151 -21.25 42.76 10.29
CA SER C 151 -22.58 42.42 10.77
C SER C 151 -23.40 41.76 9.67
N ASP C 152 -24.47 42.43 9.24
CA ASP C 152 -25.32 41.96 8.16
C ASP C 152 -24.77 42.31 6.78
N VAL C 153 -23.46 42.56 6.68
CA VAL C 153 -22.81 42.90 5.43
C VAL C 153 -21.86 41.75 5.07
N TYR C 154 -22.11 41.12 3.93
CA TYR C 154 -21.31 39.99 3.48
C TYR C 154 -20.13 40.48 2.68
N ILE C 155 -18.93 39.99 3.01
CA ILE C 155 -17.70 40.36 2.34
C ILE C 155 -16.99 39.09 1.90
N THR C 156 -16.64 39.00 0.62
CA THR C 156 -15.89 37.87 0.12
C THR C 156 -14.42 38.01 0.48
N ASP C 157 -13.62 37.07 -0.01
CA ASP C 157 -12.18 37.10 0.15
C ASP C 157 -11.54 37.38 -1.21
N LYS C 158 -10.20 37.32 -1.25
CA LYS C 158 -9.49 37.41 -2.52
C LYS C 158 -9.88 36.25 -3.41
N CYS C 159 -10.55 36.52 -4.52
CA CYS C 159 -10.90 35.46 -5.45
C CYS C 159 -9.66 34.85 -6.07
N VAL C 160 -9.76 33.59 -6.44
CA VAL C 160 -8.68 32.86 -7.10
C VAL C 160 -8.96 32.86 -8.60
N LEU C 161 -7.98 33.31 -9.38
CA LEU C 161 -8.15 33.39 -10.83
C LEU C 161 -8.42 32.01 -11.42
N ASP C 162 -9.12 32.00 -12.54
CA ASP C 162 -9.44 30.75 -13.22
C ASP C 162 -8.17 30.07 -13.70
N MET C 163 -8.11 28.75 -13.52
CA MET C 163 -6.89 28.00 -13.87
C MET C 163 -6.60 28.07 -15.36
N ARG C 164 -7.63 28.16 -16.20
CA ARG C 164 -7.47 28.27 -17.64
C ARG C 164 -7.55 29.70 -18.14
N SER C 165 -7.34 30.68 -17.26
CA SER C 165 -7.42 32.08 -17.64
C SER C 165 -6.08 32.55 -18.22
N MET C 166 -6.16 33.35 -19.28
CA MET C 166 -4.96 33.87 -19.94
C MET C 166 -4.92 35.39 -20.01
N ASP C 167 -5.92 36.09 -19.47
CA ASP C 167 -5.94 37.54 -19.50
C ASP C 167 -6.66 38.04 -18.25
N PHE C 168 -6.44 39.34 -17.96
CA PHE C 168 -7.09 40.04 -16.85
C PHE C 168 -6.81 39.33 -15.52
N LYS C 169 -5.55 39.43 -15.10
CA LYS C 169 -5.08 38.84 -13.85
C LYS C 169 -5.04 39.94 -12.80
N SER C 170 -6.18 40.16 -12.15
CA SER C 170 -6.30 41.20 -11.14
C SER C 170 -7.16 40.70 -9.99
N ASN C 171 -6.65 40.84 -8.77
CA ASN C 171 -7.38 40.39 -7.59
C ASN C 171 -8.56 41.31 -7.31
N SER C 172 -9.68 40.72 -6.92
CA SER C 172 -10.91 41.47 -6.68
C SER C 172 -11.65 40.90 -5.50
N ALA C 173 -12.16 41.78 -4.64
CA ALA C 173 -13.02 41.42 -3.53
C ALA C 173 -14.40 42.04 -3.74
N VAL C 174 -15.41 41.42 -3.14
CA VAL C 174 -16.79 41.82 -3.31
C VAL C 174 -17.48 41.88 -1.95
N ALA C 175 -18.21 42.97 -1.70
CA ALA C 175 -19.06 43.09 -0.54
C ALA C 175 -20.44 43.56 -1.00
N TRP C 176 -21.47 43.09 -0.30
CA TRP C 176 -22.84 43.44 -0.66
C TRP C 176 -23.73 43.36 0.57
N SER C 177 -24.82 44.13 0.53
CA SER C 177 -25.79 44.16 1.62
C SER C 177 -27.04 44.88 1.13
N ASN C 178 -28.18 44.50 1.69
CA ASN C 178 -29.46 45.12 1.38
C ASN C 178 -29.83 46.20 2.39
N LYS C 179 -28.85 46.78 3.07
CA LYS C 179 -29.10 47.84 4.04
C LYS C 179 -29.11 49.20 3.35
N SER C 180 -30.04 50.06 3.77
CA SER C 180 -30.08 51.41 3.23
C SER C 180 -28.89 52.24 3.71
N ASP C 181 -28.49 52.06 4.97
CA ASP C 181 -27.32 52.74 5.53
C ASP C 181 -26.02 52.06 5.14
N PHE C 182 -25.94 51.53 3.91
CA PHE C 182 -24.76 50.83 3.43
C PHE C 182 -24.22 51.57 2.22
N ALA C 183 -22.95 51.97 2.29
CA ALA C 183 -22.28 52.65 1.19
C ALA C 183 -20.97 51.94 0.88
N CYS C 184 -20.60 51.96 -0.38
CA CYS C 184 -19.35 51.36 -0.84
C CYS C 184 -18.14 52.23 -0.54
N ALA C 185 -18.30 53.31 0.23
CA ALA C 185 -17.19 54.19 0.53
C ALA C 185 -16.04 53.42 1.17
N ASN C 186 -16.31 52.71 2.26
CA ASN C 186 -15.33 51.84 2.87
C ASN C 186 -16.07 50.70 3.56
N ALA C 187 -16.61 49.79 2.75
CA ALA C 187 -17.14 48.53 3.24
C ALA C 187 -16.05 47.47 3.37
N PHE C 188 -14.80 47.80 3.07
CA PHE C 188 -13.69 46.84 3.10
C PHE C 188 -12.66 47.19 4.16
N ASN C 189 -11.38 46.93 3.87
CA ASN C 189 -10.32 47.18 4.84
C ASN C 189 -9.36 48.30 4.44
N ASN C 190 -8.14 48.23 4.98
CA ASN C 190 -7.21 49.33 4.96
C ASN C 190 -6.10 49.08 3.94
N SER C 191 -5.52 50.18 3.45
CA SER C 191 -4.33 50.16 2.61
C SER C 191 -3.13 50.46 3.50
N ILE C 192 -2.35 49.43 3.81
CA ILE C 192 -1.25 49.53 4.76
C ILE C 192 -0.22 50.57 4.30
N GLY D 2 -9.49 7.13 -17.74
CA GLY D 2 -9.00 7.29 -16.38
C GLY D 2 -9.97 6.78 -15.34
N VAL D 3 -9.75 7.16 -14.08
CA VAL D 3 -10.61 6.73 -12.99
C VAL D 3 -11.92 7.52 -13.05
N THR D 4 -13.04 6.82 -12.91
CA THR D 4 -14.35 7.41 -12.96
C THR D 4 -15.11 7.08 -11.69
N GLN D 5 -15.74 8.08 -11.08
CA GLN D 5 -16.52 7.90 -9.86
C GLN D 5 -17.94 8.40 -10.08
N THR D 6 -18.91 7.62 -9.58
CA THR D 6 -20.32 7.89 -9.78
C THR D 6 -21.05 7.72 -8.44
N PRO D 7 -21.88 8.69 -8.04
CA PRO D 7 -22.09 9.95 -8.75
C PRO D 7 -21.08 11.02 -8.32
N ARG D 8 -21.13 12.18 -8.97
CA ARG D 8 -20.24 13.27 -8.58
C ARG D 8 -20.75 13.98 -7.32
N TYR D 9 -22.06 14.19 -7.22
CA TYR D 9 -22.68 14.81 -6.06
C TYR D 9 -23.87 13.97 -5.64
N LEU D 10 -24.07 13.86 -4.33
CA LEU D 10 -25.16 13.04 -3.79
C LEU D 10 -25.60 13.62 -2.45
N ILE D 11 -26.90 13.54 -2.20
CA ILE D 11 -27.52 14.07 -0.98
C ILE D 11 -28.43 12.99 -0.40
N LYS D 12 -28.29 12.72 0.90
CA LYS D 12 -29.12 11.75 1.58
C LYS D 12 -29.28 12.18 3.04
N THR D 13 -30.36 11.69 3.65
CA THR D 13 -30.68 12.04 5.03
C THR D 13 -30.07 11.02 5.99
N ARG D 14 -30.32 11.23 7.29
CA ARG D 14 -29.84 10.29 8.30
C ARG D 14 -30.59 8.97 8.21
N GLY D 15 -29.92 7.90 8.63
CA GLY D 15 -30.51 6.58 8.65
C GLY D 15 -30.52 5.86 7.32
N GLN D 16 -30.46 6.58 6.20
CA GLN D 16 -30.47 5.96 4.90
C GLN D 16 -29.05 5.56 4.49
N GLN D 17 -28.92 5.05 3.27
CA GLN D 17 -27.65 4.53 2.78
C GLN D 17 -27.37 5.07 1.38
N VAL D 18 -26.09 5.00 1.00
CA VAL D 18 -25.64 5.40 -0.33
C VAL D 18 -24.74 4.29 -0.88
N THR D 19 -24.65 4.25 -2.21
CA THR D 19 -23.76 3.34 -2.90
C THR D 19 -22.98 4.13 -3.94
N LEU D 20 -21.66 4.18 -3.78
CA LEU D 20 -20.79 4.93 -4.66
C LEU D 20 -20.02 3.97 -5.57
N SER D 21 -19.95 4.31 -6.85
CA SER D 21 -19.31 3.46 -7.84
C SER D 21 -17.99 4.06 -8.28
N CYS D 22 -17.06 3.19 -8.70
CA CYS D 22 -15.77 3.65 -9.19
C CYS D 22 -15.25 2.65 -10.21
N SER D 23 -15.08 3.12 -11.45
CA SER D 23 -14.48 2.30 -12.50
C SER D 23 -13.00 2.63 -12.61
N PRO D 24 -12.11 1.69 -12.32
CA PRO D 24 -10.68 2.01 -12.35
C PRO D 24 -10.14 2.16 -13.76
N ILE D 25 -8.85 2.48 -13.87
CA ILE D 25 -8.20 2.57 -15.17
C ILE D 25 -8.18 1.19 -15.83
N SER D 26 -8.39 1.17 -17.15
CA SER D 26 -8.35 -0.09 -17.89
C SER D 26 -7.01 -0.78 -17.71
N GLY D 27 -7.06 -2.07 -17.38
CA GLY D 27 -5.87 -2.83 -17.09
C GLY D 27 -5.50 -2.88 -15.62
N HIS D 28 -6.16 -2.10 -14.77
CA HIS D 28 -5.89 -2.09 -13.34
C HIS D 28 -6.85 -3.02 -12.61
N ARG D 29 -6.36 -3.65 -11.55
CA ARG D 29 -7.11 -4.66 -10.82
C ARG D 29 -7.39 -4.29 -9.36
N SER D 30 -6.66 -3.35 -8.78
CA SER D 30 -6.85 -2.95 -7.39
C SER D 30 -7.60 -1.63 -7.29
N VAL D 31 -8.52 -1.56 -6.33
CA VAL D 31 -9.30 -0.35 -6.08
C VAL D 31 -9.25 -0.05 -4.59
N SER D 32 -8.69 1.11 -4.23
CA SER D 32 -8.66 1.56 -2.85
C SER D 32 -9.71 2.66 -2.66
N TRP D 33 -10.41 2.59 -1.54
CA TRP D 33 -11.40 3.59 -1.17
C TRP D 33 -10.87 4.45 -0.01
N TYR D 34 -11.21 5.73 -0.04
CA TYR D 34 -10.76 6.67 0.97
C TYR D 34 -11.89 7.63 1.32
N GLN D 35 -11.78 8.22 2.50
CA GLN D 35 -12.70 9.25 2.97
C GLN D 35 -11.88 10.50 3.31
N GLN D 36 -12.32 11.64 2.79
CA GLN D 36 -11.65 12.92 3.06
C GLN D 36 -12.61 13.83 3.82
N THR D 37 -12.34 14.00 5.12
CA THR D 37 -13.09 14.88 6.00
C THR D 37 -12.20 16.01 6.48
N PRO D 38 -12.76 17.19 6.77
CA PRO D 38 -11.98 18.22 7.45
C PRO D 38 -11.67 17.79 8.89
N GLY D 39 -10.45 18.08 9.32
CA GLY D 39 -10.01 17.71 10.66
C GLY D 39 -9.45 16.31 10.78
N GLN D 40 -9.91 15.38 9.94
CA GLN D 40 -9.38 14.02 9.95
C GLN D 40 -8.56 13.68 8.71
N GLY D 41 -8.68 14.46 7.64
CA GLY D 41 -7.90 14.24 6.45
C GLY D 41 -8.35 13.01 5.67
N LEU D 42 -7.41 12.49 4.89
CA LEU D 42 -7.64 11.27 4.12
C LEU D 42 -7.54 10.05 5.04
N GLN D 43 -8.58 9.22 5.02
CA GLN D 43 -8.63 8.02 5.84
C GLN D 43 -8.94 6.82 4.97
N PHE D 44 -8.15 5.76 5.12
CA PHE D 44 -8.29 4.58 4.29
C PHE D 44 -9.54 3.78 4.68
N LEU D 45 -10.37 3.47 3.69
CA LEU D 45 -11.53 2.62 3.89
C LEU D 45 -11.13 1.15 3.76
N PHE D 46 -10.98 0.69 2.53
CA PHE D 46 -10.60 -0.69 2.24
C PHE D 46 -10.11 -0.77 0.81
N GLU D 47 -9.39 -1.85 0.50
CA GLU D 47 -8.88 -2.12 -0.83
C GLU D 47 -9.46 -3.44 -1.33
N TYR D 48 -9.78 -3.48 -2.62
CA TYR D 48 -10.36 -4.70 -3.24
C TYR D 48 -9.43 -5.20 -4.35
N PHE D 49 -9.24 -6.52 -4.44
CA PHE D 49 -8.36 -7.13 -5.46
C PHE D 49 -8.94 -8.48 -5.90
N SER D 50 -9.07 -8.68 -7.22
CA SER D 50 -9.62 -9.94 -7.78
C SER D 50 -10.95 -10.28 -7.09
N GLU D 51 -12.03 -9.21 -6.77
CA GLU D 51 -13.41 -9.24 -6.29
C GLU D 51 -13.51 -9.58 -4.81
N THR D 52 -12.42 -9.41 -4.06
CA THR D 52 -12.46 -9.60 -2.61
C THR D 52 -11.73 -8.45 -1.95
N GLN D 53 -12.16 -8.13 -0.73
CA GLN D 53 -11.51 -7.11 0.08
C GLN D 53 -10.19 -7.66 0.59
N ARG D 54 -9.09 -7.17 0.02
CA ARG D 54 -7.74 -7.62 0.40
C ARG D 54 -7.16 -6.84 1.57
N ASN D 55 -7.53 -5.57 1.72
CA ASN D 55 -7.05 -4.77 2.83
C ASN D 55 -8.19 -3.92 3.36
N LYS D 56 -8.12 -3.57 4.65
CA LYS D 56 -9.19 -2.84 5.31
C LYS D 56 -8.59 -1.80 6.25
N GLY D 57 -9.39 -0.78 6.56
CA GLY D 57 -9.00 0.25 7.49
C GLY D 57 -9.68 0.16 8.84
N ASN D 58 -9.85 1.28 9.52
CA ASN D 58 -10.40 1.32 10.87
C ASN D 58 -11.85 1.83 10.89
N PHE D 59 -12.53 1.82 9.76
CA PHE D 59 -13.91 2.28 9.72
C PHE D 59 -14.86 1.19 10.24
N PRO D 60 -16.01 1.58 10.80
CA PRO D 60 -16.94 0.58 11.35
C PRO D 60 -17.55 -0.33 10.29
N GLY D 61 -18.39 -1.27 10.73
CA GLY D 61 -18.90 -2.29 9.83
C GLY D 61 -19.87 -1.76 8.78
N ARG D 62 -20.56 -0.65 9.08
CA ARG D 62 -21.48 -0.08 8.11
C ARG D 62 -20.79 0.44 6.87
N PHE D 63 -19.46 0.60 6.91
CA PHE D 63 -18.67 0.91 5.71
C PHE D 63 -18.27 -0.42 5.09
N SER D 64 -18.93 -0.78 3.99
CA SER D 64 -18.69 -2.03 3.28
C SER D 64 -18.57 -1.74 1.79
N GLY D 65 -18.29 -2.79 1.02
CA GLY D 65 -18.19 -2.65 -0.42
C GLY D 65 -18.02 -3.99 -1.08
N ARG D 66 -17.82 -3.94 -2.40
CA ARG D 66 -17.57 -5.14 -3.18
C ARG D 66 -16.86 -4.75 -4.47
N GLN D 67 -16.35 -5.76 -5.18
CA GLN D 67 -15.70 -5.54 -6.46
C GLN D 67 -16.20 -6.60 -7.44
N PHE D 68 -16.31 -6.21 -8.71
CA PHE D 68 -16.88 -7.06 -9.74
C PHE D 68 -15.78 -7.59 -10.66
N SER D 69 -16.20 -8.38 -11.66
CA SER D 69 -15.24 -9.02 -12.55
C SER D 69 -14.48 -8.01 -13.39
N ASN D 70 -15.11 -6.89 -13.72
CA ASN D 70 -14.44 -5.83 -14.47
C ASN D 70 -13.59 -4.92 -13.58
N SER D 71 -13.17 -5.41 -12.41
CA SER D 71 -12.33 -4.68 -11.47
C SER D 71 -13.02 -3.43 -10.93
N ARG D 72 -14.26 -3.18 -11.36
CA ARG D 72 -15.01 -2.04 -10.86
C ARG D 72 -15.52 -2.32 -9.44
N SER D 73 -15.53 -1.28 -8.61
CA SER D 73 -15.86 -1.44 -7.20
C SER D 73 -17.04 -0.55 -6.81
N GLU D 74 -17.84 -1.05 -5.87
CA GLU D 74 -18.85 -0.29 -5.18
C GLU D 74 -18.49 -0.20 -3.71
N MET D 75 -18.89 0.90 -3.06
CA MET D 75 -18.82 1.02 -1.62
C MET D 75 -20.18 1.47 -1.11
N ASN D 76 -20.62 0.85 -0.02
CA ASN D 76 -21.92 1.12 0.56
C ASN D 76 -21.76 1.57 2.00
N VAL D 77 -22.57 2.55 2.41
CA VAL D 77 -22.52 3.12 3.74
C VAL D 77 -23.93 3.07 4.32
N SER D 78 -24.18 2.07 5.17
CA SER D 78 -25.49 1.91 5.79
C SER D 78 -25.62 2.81 7.01
N THR D 79 -26.85 3.23 7.29
CA THR D 79 -27.16 4.13 8.40
C THR D 79 -26.27 5.37 8.35
N LEU D 80 -26.64 6.32 7.49
CA LEU D 80 -25.80 7.50 7.31
C LEU D 80 -25.80 8.38 8.54
N GLU D 81 -24.78 9.22 8.64
CA GLU D 81 -24.54 10.05 9.82
C GLU D 81 -24.03 11.41 9.36
N LEU D 82 -24.35 12.45 10.14
CA LEU D 82 -23.90 13.79 9.80
C LEU D 82 -22.38 13.88 9.73
N GLY D 83 -21.67 13.07 10.52
CA GLY D 83 -20.23 13.02 10.43
C GLY D 83 -19.70 12.27 9.22
N ASP D 84 -20.57 11.57 8.49
CA ASP D 84 -20.14 10.84 7.30
C ASP D 84 -20.07 11.73 6.06
N SER D 85 -20.51 12.98 6.14
CA SER D 85 -20.37 13.90 5.02
C SER D 85 -18.90 14.12 4.71
N ALA D 86 -18.50 13.85 3.47
CA ALA D 86 -17.10 13.90 3.07
C ALA D 86 -17.02 13.82 1.56
N LEU D 87 -15.79 13.87 1.05
CA LEU D 87 -15.48 13.55 -0.33
C LEU D 87 -14.86 12.15 -0.34
N TYR D 88 -15.57 11.19 -0.94
CA TYR D 88 -15.12 9.80 -0.97
C TYR D 88 -14.29 9.58 -2.22
N LEU D 89 -12.98 9.50 -2.04
CA LEU D 89 -12.06 9.31 -3.14
C LEU D 89 -11.87 7.83 -3.43
N CYS D 90 -11.36 7.54 -4.63
CA CYS D 90 -11.16 6.17 -5.09
C CYS D 90 -9.83 6.09 -5.83
N ALA D 91 -8.91 5.29 -5.30
CA ALA D 91 -7.59 5.11 -5.90
C ALA D 91 -7.58 3.83 -6.73
N SER D 92 -7.17 3.94 -7.98
CA SER D 92 -7.00 2.80 -8.86
C SER D 92 -5.53 2.43 -8.94
N SER D 93 -5.25 1.12 -8.93
CA SER D 93 -3.88 0.62 -8.99
C SER D 93 -3.85 -0.64 -9.83
N LEU D 94 -2.71 -0.82 -10.52
CA LEU D 94 -2.47 -2.09 -11.21
C LEU D 94 -2.67 -3.26 -10.26
N GLU D 95 -2.15 -3.14 -9.04
CA GLU D 95 -2.39 -4.08 -7.96
C GLU D 95 -1.77 -3.55 -6.68
N ARG D 96 -0.55 -3.04 -6.79
CA ARG D 96 0.20 -2.60 -5.62
C ARG D 96 1.08 -1.38 -5.87
N ASP D 97 1.50 -1.10 -7.10
CA ASP D 97 2.42 -0.01 -7.39
C ASP D 97 1.70 1.06 -8.19
N GLY D 98 1.68 2.29 -7.67
CA GLY D 98 1.03 3.39 -8.35
C GLY D 98 -0.46 3.45 -8.10
N TYR D 99 -0.91 4.53 -7.48
CA TYR D 99 -2.32 4.73 -7.14
C TYR D 99 -2.80 6.03 -7.77
N THR D 100 -3.78 5.93 -8.66
CA THR D 100 -4.36 7.08 -9.36
C THR D 100 -5.74 7.34 -8.80
N PHE D 101 -5.91 8.53 -8.19
CA PHE D 101 -7.19 8.89 -7.59
C PHE D 101 -8.13 9.45 -8.63
N GLY D 102 -9.44 9.32 -8.35
CA GLY D 102 -10.46 9.89 -9.20
C GLY D 102 -10.90 11.27 -8.72
N SER D 103 -11.91 11.80 -9.41
CA SER D 103 -12.43 13.12 -9.03
C SER D 103 -13.16 13.08 -7.70
N GLY D 104 -13.67 11.92 -7.29
CA GLY D 104 -14.31 11.83 -5.98
C GLY D 104 -15.81 12.04 -6.03
N THR D 105 -16.50 11.44 -5.07
CA THR D 105 -17.94 11.62 -4.88
C THR D 105 -18.15 12.51 -3.67
N ARG D 106 -18.82 13.64 -3.88
CA ARG D 106 -19.13 14.58 -2.80
C ARG D 106 -20.47 14.20 -2.19
N LEU D 107 -20.42 13.69 -0.95
CA LEU D 107 -21.62 13.30 -0.22
C LEU D 107 -21.87 14.29 0.91
N THR D 108 -23.12 14.74 1.02
CA THR D 108 -23.54 15.63 2.10
C THR D 108 -24.78 15.04 2.76
N VAL D 109 -24.66 14.70 4.04
CA VAL D 109 -25.76 14.16 4.82
C VAL D 109 -26.50 15.32 5.47
N VAL D 110 -27.81 15.39 5.25
CA VAL D 110 -28.64 16.47 5.77
C VAL D 110 -29.59 15.89 6.82
N GLU D 111 -29.92 16.73 7.81
CA GLU D 111 -30.88 16.32 8.82
C GLU D 111 -32.25 16.06 8.22
N ASP D 112 -32.64 16.86 7.22
CA ASP D 112 -33.91 16.70 6.54
C ASP D 112 -33.82 17.39 5.18
N LEU D 113 -34.51 16.82 4.19
CA LEU D 113 -34.46 17.35 2.84
C LEU D 113 -35.06 18.75 2.70
N ASN D 114 -35.77 19.24 3.72
CA ASN D 114 -36.32 20.59 3.67
C ASN D 114 -35.26 21.67 3.87
N LYS D 115 -34.00 21.29 4.10
CA LYS D 115 -32.91 22.24 4.24
C LYS D 115 -32.14 22.45 2.94
N VAL D 116 -32.57 21.81 1.85
CA VAL D 116 -31.94 21.98 0.55
C VAL D 116 -32.64 23.10 -0.18
N PHE D 117 -31.85 24.01 -0.76
CA PHE D 117 -32.39 25.18 -1.46
C PHE D 117 -31.59 25.41 -2.74
N PRO D 118 -32.25 25.66 -3.86
CA PRO D 118 -31.54 26.03 -5.08
C PRO D 118 -31.01 27.46 -4.97
N PRO D 119 -29.96 27.79 -5.71
CA PRO D 119 -29.37 29.13 -5.58
C PRO D 119 -30.18 30.18 -6.31
N GLU D 120 -30.04 31.43 -5.84
CA GLU D 120 -30.60 32.59 -6.50
C GLU D 120 -29.45 33.35 -7.16
N VAL D 121 -29.40 33.31 -8.49
CA VAL D 121 -28.28 33.87 -9.24
C VAL D 121 -28.65 35.26 -9.74
N ALA D 122 -27.70 36.19 -9.65
CA ALA D 122 -27.91 37.55 -10.12
C ALA D 122 -26.58 38.12 -10.60
N VAL D 123 -26.61 38.78 -11.75
CA VAL D 123 -25.44 39.44 -12.30
C VAL D 123 -25.54 40.94 -12.05
N PHE D 124 -24.39 41.59 -11.98
CA PHE D 124 -24.32 43.03 -11.72
C PHE D 124 -23.46 43.67 -12.78
N GLU D 125 -24.04 44.61 -13.53
CA GLU D 125 -23.35 45.19 -14.66
C GLU D 125 -22.20 46.08 -14.20
N PRO D 126 -21.18 46.27 -15.04
CA PRO D 126 -20.02 47.07 -14.63
C PRO D 126 -20.39 48.52 -14.34
N SER D 127 -19.52 49.17 -13.58
CA SER D 127 -19.71 50.57 -13.21
C SER D 127 -19.03 51.48 -14.22
N GLU D 128 -19.72 52.55 -14.60
CA GLU D 128 -19.13 53.54 -15.48
C GLU D 128 -17.89 54.17 -14.86
N ALA D 129 -17.82 54.19 -13.52
CA ALA D 129 -16.66 54.75 -12.84
C ALA D 129 -15.40 53.96 -13.16
N GLU D 130 -15.50 52.63 -13.17
CA GLU D 130 -14.33 51.80 -13.46
C GLU D 130 -14.01 51.75 -14.95
N ILE D 131 -14.99 52.00 -15.81
CA ILE D 131 -14.73 52.03 -17.25
C ILE D 131 -13.90 53.25 -17.62
N SER D 132 -14.19 54.39 -17.00
CA SER D 132 -13.46 55.60 -17.32
C SER D 132 -12.05 55.59 -16.73
N HIS D 133 -11.88 54.96 -15.58
CA HIS D 133 -10.60 55.03 -14.88
C HIS D 133 -9.62 53.97 -15.39
N THR D 134 -10.10 52.76 -15.66
CA THR D 134 -9.23 51.66 -16.03
C THR D 134 -9.40 51.17 -17.46
N GLN D 135 -10.39 51.70 -18.20
CA GLN D 135 -10.70 51.21 -19.54
C GLN D 135 -10.99 49.71 -19.53
N LYS D 136 -11.55 49.23 -18.43
CA LYS D 136 -11.94 47.84 -18.28
C LYS D 136 -13.29 47.78 -17.58
N ALA D 137 -13.97 46.64 -17.72
CA ALA D 137 -15.29 46.45 -17.15
C ALA D 137 -15.34 45.11 -16.42
N THR D 138 -15.87 45.12 -15.20
CA THR D 138 -15.93 43.93 -14.37
C THR D 138 -17.39 43.65 -14.02
N LEU D 139 -17.86 42.45 -14.34
CA LEU D 139 -19.17 41.97 -13.93
C LEU D 139 -19.02 41.11 -12.69
N VAL D 140 -20.05 41.13 -11.85
CA VAL D 140 -20.08 40.34 -10.62
C VAL D 140 -21.35 39.51 -10.61
N CYS D 141 -21.22 38.22 -10.30
CA CYS D 141 -22.33 37.29 -10.24
C CYS D 141 -22.51 36.82 -8.80
N LEU D 142 -23.75 36.87 -8.32
CA LEU D 142 -24.08 36.48 -6.95
C LEU D 142 -25.04 35.31 -6.96
N ALA D 143 -24.55 34.13 -6.56
CA ALA D 143 -25.38 32.96 -6.31
C ALA D 143 -25.48 32.80 -4.80
N THR D 144 -26.66 33.08 -4.24
CA THR D 144 -26.82 33.16 -2.79
C THR D 144 -27.94 32.26 -2.33
N GLY D 145 -27.93 31.96 -1.03
CA GLY D 145 -29.03 31.26 -0.40
C GLY D 145 -29.22 29.83 -0.86
N PHE D 146 -28.13 29.08 -0.98
CA PHE D 146 -28.19 27.71 -1.45
C PHE D 146 -27.52 26.78 -0.45
N PHE D 147 -28.07 25.57 -0.33
CA PHE D 147 -27.53 24.51 0.51
C PHE D 147 -27.88 23.20 -0.18
N PRO D 148 -26.94 22.25 -0.26
CA PRO D 148 -25.57 22.31 0.26
C PRO D 148 -24.59 23.03 -0.67
N ASP D 149 -23.33 22.60 -0.61
CA ASP D 149 -22.24 23.20 -1.36
C ASP D 149 -22.08 22.59 -2.75
N HIS D 150 -23.13 22.00 -3.30
CA HIS D 150 -23.04 21.34 -4.60
C HIS D 150 -23.39 22.37 -5.68
N VAL D 151 -22.37 23.12 -6.10
CA VAL D 151 -22.56 24.24 -7.02
C VAL D 151 -21.33 24.35 -7.91
N GLU D 152 -21.58 24.56 -9.21
CA GLU D 152 -20.51 24.82 -10.19
C GLU D 152 -20.88 26.08 -10.96
N LEU D 153 -20.01 27.09 -10.89
CA LEU D 153 -20.25 28.38 -11.52
C LEU D 153 -19.39 28.50 -12.77
N SER D 154 -19.99 28.96 -13.86
CA SER D 154 -19.29 29.11 -15.13
C SER D 154 -19.80 30.34 -15.86
N TRP D 155 -18.89 31.05 -16.51
CA TRP D 155 -19.22 32.22 -17.31
C TRP D 155 -19.33 31.85 -18.78
N TRP D 156 -20.25 32.52 -19.47
CA TRP D 156 -20.53 32.25 -20.88
C TRP D 156 -20.65 33.57 -21.63
N VAL D 157 -19.87 33.71 -22.69
CA VAL D 157 -19.88 34.90 -23.54
C VAL D 157 -20.20 34.47 -24.95
N ASN D 158 -21.35 34.93 -25.46
CA ASN D 158 -21.78 34.67 -26.84
C ASN D 158 -21.88 33.17 -27.13
N GLY D 159 -22.43 32.42 -26.17
CA GLY D 159 -22.69 31.01 -26.35
C GLY D 159 -21.54 30.09 -26.02
N LYS D 160 -20.33 30.61 -25.85
CA LYS D 160 -19.16 29.81 -25.53
C LYS D 160 -18.69 30.12 -24.12
N GLU D 161 -18.25 29.08 -23.40
CA GLU D 161 -17.76 29.26 -22.05
C GLU D 161 -16.40 29.94 -22.08
N VAL D 162 -16.22 30.92 -21.21
CA VAL D 162 -14.99 31.71 -21.14
C VAL D 162 -14.34 31.51 -19.77
N HIS D 163 -13.04 31.29 -19.76
CA HIS D 163 -12.26 31.21 -18.54
C HIS D 163 -11.32 32.38 -18.34
N SER D 164 -10.97 33.09 -19.41
CA SER D 164 -10.06 34.22 -19.30
C SER D 164 -10.79 35.41 -18.68
N GLY D 165 -10.17 36.01 -17.66
CA GLY D 165 -10.80 37.10 -16.95
C GLY D 165 -11.75 36.69 -15.86
N VAL D 166 -11.86 35.40 -15.57
CA VAL D 166 -12.76 34.88 -14.55
C VAL D 166 -12.01 34.77 -13.24
N CYS D 167 -12.66 35.17 -12.14
CA CYS D 167 -12.05 35.10 -10.82
C CYS D 167 -13.17 34.79 -9.83
N THR D 168 -13.20 33.56 -9.34
CA THR D 168 -14.26 33.07 -8.45
C THR D 168 -13.70 32.86 -7.05
N ASP D 169 -14.55 33.05 -6.05
CA ASP D 169 -14.16 32.79 -4.67
C ASP D 169 -13.82 31.32 -4.49
N PRO D 170 -12.85 30.99 -3.65
CA PRO D 170 -12.48 29.57 -3.45
C PRO D 170 -13.64 28.76 -2.89
N GLN D 171 -14.11 29.13 -1.71
CA GLN D 171 -15.25 28.50 -1.06
C GLN D 171 -16.39 29.51 -0.93
N PRO D 172 -17.63 29.04 -0.80
CA PRO D 172 -18.76 29.97 -0.63
C PRO D 172 -18.70 30.73 0.68
N LEU D 173 -19.67 31.63 0.88
CA LEU D 173 -19.76 32.46 2.07
C LEU D 173 -20.99 32.05 2.87
N LYS D 174 -20.79 31.72 4.15
CA LYS D 174 -21.88 31.27 5.00
C LYS D 174 -22.76 32.46 5.39
N GLU D 175 -24.02 32.44 4.94
CA GLU D 175 -24.94 33.53 5.26
C GLU D 175 -25.29 33.55 6.74
N GLN D 176 -25.17 32.42 7.44
CA GLN D 176 -25.38 32.34 8.88
C GLN D 176 -24.15 31.65 9.47
N PRO D 177 -23.09 32.40 9.77
CA PRO D 177 -21.83 31.75 10.19
C PRO D 177 -21.94 30.96 11.49
N ALA D 178 -22.99 31.15 12.28
CA ALA D 178 -23.15 30.45 13.54
C ALA D 178 -23.95 29.16 13.42
N LEU D 179 -24.44 28.83 12.22
CA LEU D 179 -25.25 27.64 12.00
C LEU D 179 -24.48 26.61 11.19
N ASN D 180 -24.91 25.36 11.33
CA ASN D 180 -24.32 24.26 10.57
C ASN D 180 -25.04 24.01 9.26
N ASP D 181 -26.36 24.20 9.23
CA ASP D 181 -27.17 24.09 8.02
C ASP D 181 -27.36 25.43 7.33
N SER D 182 -26.37 26.31 7.38
CA SER D 182 -26.51 27.66 6.86
C SER D 182 -26.55 27.67 5.34
N ARG D 183 -27.30 28.63 4.80
CA ARG D 183 -27.30 28.86 3.37
C ARG D 183 -25.99 29.50 2.94
N TYR D 184 -25.55 29.18 1.73
CA TYR D 184 -24.27 29.64 1.22
C TYR D 184 -24.46 30.73 0.16
N ALA D 185 -23.39 31.48 -0.08
CA ALA D 185 -23.37 32.54 -1.08
C ALA D 185 -22.02 32.54 -1.77
N LEU D 186 -22.03 32.48 -3.10
CA LEU D 186 -20.82 32.41 -3.90
C LEU D 186 -20.74 33.62 -4.82
N SER D 187 -19.53 34.11 -5.04
CA SER D 187 -19.29 35.28 -5.88
C SER D 187 -18.24 34.95 -6.94
N SER D 188 -18.33 35.63 -8.07
CA SER D 188 -17.38 35.45 -9.17
C SER D 188 -17.38 36.70 -10.02
N ARG D 189 -16.26 36.95 -10.70
CA ARG D 189 -16.08 38.15 -11.49
C ARG D 189 -15.62 37.79 -12.90
N LEU D 190 -16.11 38.52 -13.89
CA LEU D 190 -15.69 38.39 -15.28
C LEU D 190 -15.32 39.78 -15.78
N ARG D 191 -14.02 40.04 -15.91
CA ARG D 191 -13.53 41.33 -16.37
C ARG D 191 -13.17 41.23 -17.86
N VAL D 192 -13.77 42.09 -18.67
CA VAL D 192 -13.50 42.14 -20.10
C VAL D 192 -13.03 43.56 -20.46
N SER D 193 -12.66 43.73 -21.71
CA SER D 193 -12.27 45.05 -22.20
C SER D 193 -13.48 45.98 -22.20
N ALA D 194 -13.21 47.28 -22.00
CA ALA D 194 -14.29 48.26 -21.95
C ALA D 194 -15.02 48.34 -23.29
N THR D 195 -14.27 48.20 -24.39
CA THR D 195 -14.90 48.17 -25.70
C THR D 195 -15.78 46.94 -25.88
N PHE D 196 -15.44 45.84 -25.21
CA PHE D 196 -16.21 44.61 -25.35
C PHE D 196 -17.56 44.73 -24.65
N TRP D 197 -17.57 45.24 -23.41
CA TRP D 197 -18.83 45.39 -22.68
C TRP D 197 -19.72 46.44 -23.34
N GLN D 198 -19.12 47.53 -23.82
CA GLN D 198 -19.89 48.59 -24.48
C GLN D 198 -20.37 48.20 -25.87
N ASN D 199 -20.14 46.95 -26.27
CA ASN D 199 -20.66 46.44 -27.53
C ASN D 199 -22.01 45.80 -27.26
N PRO D 200 -23.13 46.39 -27.71
CA PRO D 200 -24.45 45.81 -27.41
C PRO D 200 -24.71 44.47 -28.10
N ARG D 201 -23.87 44.07 -29.05
CA ARG D 201 -24.05 42.78 -29.72
C ARG D 201 -23.50 41.61 -28.92
N ASN D 202 -22.72 41.88 -27.88
CA ASN D 202 -22.12 40.81 -27.08
C ASN D 202 -23.08 40.38 -25.98
N HIS D 203 -23.09 39.07 -25.71
CA HIS D 203 -24.00 38.46 -24.76
C HIS D 203 -23.19 37.87 -23.61
N PHE D 204 -23.60 38.17 -22.37
CA PHE D 204 -22.93 37.70 -21.18
C PHE D 204 -23.90 36.90 -20.32
N ARG D 205 -23.44 35.75 -19.83
CA ARG D 205 -24.29 34.89 -19.00
C ARG D 205 -23.45 34.24 -17.91
N CYS D 206 -23.98 34.25 -16.69
CA CYS D 206 -23.38 33.58 -15.55
C CYS D 206 -24.21 32.35 -15.23
N GLN D 207 -23.63 31.17 -15.41
CA GLN D 207 -24.32 29.90 -15.20
C GLN D 207 -23.86 29.26 -13.90
N VAL D 208 -24.82 28.81 -13.10
CA VAL D 208 -24.56 28.13 -11.84
C VAL D 208 -25.27 26.79 -11.87
N GLN D 209 -24.51 25.72 -12.02
CA GLN D 209 -25.06 24.37 -12.01
C GLN D 209 -25.25 23.92 -10.57
N PHE D 210 -26.51 23.67 -10.20
CA PHE D 210 -26.84 23.23 -8.84
C PHE D 210 -27.17 21.74 -8.87
N TYR D 211 -26.50 20.98 -8.01
CA TYR D 211 -26.73 19.54 -7.86
C TYR D 211 -27.56 19.34 -6.59
N GLY D 212 -28.82 18.93 -6.76
CA GLY D 212 -29.70 18.74 -5.63
C GLY D 212 -30.45 17.43 -5.65
N LEU D 213 -31.75 17.49 -5.43
CA LEU D 213 -32.57 16.29 -5.37
C LEU D 213 -32.75 15.69 -6.77
N SER D 214 -33.06 14.40 -6.80
CA SER D 214 -33.31 13.67 -8.03
C SER D 214 -34.80 13.36 -8.14
N GLU D 215 -35.16 12.63 -9.20
CA GLU D 215 -36.55 12.21 -9.35
C GLU D 215 -36.93 11.14 -8.35
N ASN D 216 -35.96 10.39 -7.82
CA ASN D 216 -36.24 9.35 -6.84
C ASN D 216 -36.59 9.89 -5.46
N ASP D 217 -36.53 11.21 -5.26
CA ASP D 217 -36.75 11.82 -3.96
C ASP D 217 -38.14 12.44 -3.90
N GLU D 218 -38.77 12.37 -2.73
CA GLU D 218 -40.09 12.92 -2.52
C GLU D 218 -40.00 14.33 -1.95
N TRP D 219 -41.10 15.07 -2.10
CA TRP D 219 -41.16 16.45 -1.66
C TRP D 219 -42.56 16.73 -1.11
N THR D 220 -42.62 17.15 0.16
CA THR D 220 -43.88 17.46 0.82
C THR D 220 -43.98 18.92 1.23
N GLN D 221 -43.03 19.77 0.81
CA GLN D 221 -43.03 21.16 1.19
C GLN D 221 -43.89 21.98 0.24
N ASP D 222 -44.11 23.24 0.62
CA ASP D 222 -44.94 24.14 -0.20
C ASP D 222 -44.18 24.69 -1.38
N ARG D 223 -42.86 24.85 -1.27
CA ARG D 223 -42.06 25.37 -2.37
C ARG D 223 -41.78 24.27 -3.38
N ALA D 224 -41.01 24.60 -4.41
CA ALA D 224 -40.68 23.65 -5.46
C ALA D 224 -39.56 22.71 -5.01
N LYS D 225 -39.53 21.53 -5.59
CA LYS D 225 -38.50 20.55 -5.25
C LYS D 225 -37.14 21.05 -5.74
N PRO D 226 -36.14 21.16 -4.85
CA PRO D 226 -34.83 21.65 -5.29
C PRO D 226 -34.07 20.62 -6.11
N VAL D 227 -34.56 20.32 -7.31
CA VAL D 227 -33.95 19.32 -8.18
C VAL D 227 -32.63 19.84 -8.72
N THR D 228 -31.84 18.94 -9.31
CA THR D 228 -30.63 19.34 -10.00
C THR D 228 -30.99 20.25 -11.17
N GLN D 229 -30.54 21.50 -11.11
CA GLN D 229 -30.98 22.50 -12.06
C GLN D 229 -29.84 23.47 -12.35
N ILE D 230 -29.99 24.21 -13.45
CA ILE D 230 -29.06 25.27 -13.84
C ILE D 230 -29.77 26.60 -13.63
N VAL D 231 -29.22 27.44 -12.76
CA VAL D 231 -29.75 28.77 -12.50
C VAL D 231 -28.77 29.78 -13.07
N SER D 232 -29.27 30.70 -13.89
CA SER D 232 -28.42 31.63 -14.60
C SER D 232 -29.06 33.02 -14.65
N ALA D 233 -28.23 34.01 -14.93
CA ALA D 233 -28.66 35.38 -15.15
C ALA D 233 -27.81 35.98 -16.25
N GLU D 234 -28.44 36.63 -17.22
CA GLU D 234 -27.75 37.14 -18.39
C GLU D 234 -27.88 38.66 -18.46
N ALA D 235 -27.03 39.26 -19.29
CA ALA D 235 -27.02 40.70 -19.46
C ALA D 235 -26.31 41.03 -20.77
N TRP D 236 -26.94 41.84 -21.61
CA TRP D 236 -26.33 42.30 -22.84
C TRP D 236 -25.50 43.56 -22.58
N GLY D 237 -24.69 43.91 -23.58
CA GLY D 237 -23.91 45.12 -23.49
C GLY D 237 -24.76 46.37 -23.62
N ARG D 238 -24.15 47.50 -23.25
CA ARG D 238 -24.82 48.80 -23.31
C ARG D 238 -23.90 49.81 -23.96
N ALA D 239 -24.48 50.69 -24.77
CA ALA D 239 -23.71 51.72 -25.46
C ALA D 239 -23.89 53.09 -24.79
C1 NAG E . -4.44 -38.20 3.76
C2 NAG E . -5.95 -38.27 3.97
C3 NAG E . -6.62 -39.18 2.94
C4 NAG E . -6.24 -38.76 1.53
C5 NAG E . -4.73 -38.80 1.39
C6 NAG E . -4.25 -38.35 0.03
C7 NAG E . -6.93 -37.95 6.20
C8 NAG E . -7.32 -36.59 5.72
N2 NAG E . -6.28 -38.72 5.31
O3 NAG E . -8.04 -39.06 3.08
O4 NAG E . -6.86 -39.61 0.58
O5 NAG E . -4.13 -37.92 2.36
O6 NAG E . -3.22 -37.37 0.15
O7 NAG E . -7.19 -38.35 7.32
C1 NAG F . -3.94 -28.07 -25.87
C2 NAG F . -4.90 -29.17 -25.43
C3 NAG F . -5.73 -29.67 -26.62
C4 NAG F . -5.57 -28.80 -27.86
C5 NAG F . -5.46 -27.30 -27.58
C6 NAG F . -6.81 -26.63 -27.39
C7 NAG F . -3.29 -31.12 -25.14
C8 NAG F . -2.79 -30.97 -26.56
N2 NAG F . -4.24 -30.26 -24.71
O3 NAG F . -7.11 -29.72 -26.23
O4 NAG F . -4.46 -29.24 -28.64
O5 NAG F . -4.68 -27.00 -26.41
O6 NAG F . -7.70 -26.97 -28.44
O7 NAG F . -2.85 -32.00 -24.40
C1 GOL G . 33.57 -16.14 -0.53
O1 GOL G . 32.34 -16.78 -0.70
C2 GOL G . 33.49 -15.36 0.80
O2 GOL G . 33.32 -16.21 1.89
C3 GOL G . 34.81 -14.57 0.87
O3 GOL G . 34.72 -13.77 2.01
AS CAC H . 8.40 -26.13 14.57
O1 CAC H . 7.91 -25.19 15.94
O2 CAC H . 7.49 -25.66 13.17
C1 CAC H . 10.31 -25.85 14.22
C2 CAC H . 8.08 -28.03 14.95
C1 NAG I . 34.99 -7.91 1.93
C2 NAG I . 35.96 -7.83 0.76
C3 NAG I . 36.98 -6.68 0.93
C4 NAG I . 36.87 -5.89 2.24
C5 NAG I . 35.48 -5.87 2.92
C6 NAG I . 34.91 -4.48 3.01
C7 NAG I . 37.43 -9.86 1.15
C8 NAG I . 37.79 -9.39 2.54
N2 NAG I . 36.60 -9.10 0.42
O3 NAG I . 36.84 -5.78 -0.17
O4 NAG I . 37.83 -6.37 3.17
O5 NAG I . 34.52 -6.67 2.22
O6 NAG I . 35.57 -3.58 2.12
O7 NAG I . 37.89 -10.91 0.70
C1 GOL J . 8.79 -25.26 -21.45
O1 GOL J . 9.92 -25.43 -22.26
C2 GOL J . 8.68 -26.51 -20.55
O2 GOL J . 8.57 -27.68 -21.27
C3 GOL J . 9.97 -26.49 -19.69
O3 GOL J . 9.83 -27.50 -18.74
C1 GOL K . 4.07 35.12 5.76
O1 GOL K . 2.73 34.75 5.79
C2 GOL K . 4.64 34.64 4.42
O2 GOL K . 4.02 35.23 3.33
C3 GOL K . 6.15 34.95 4.49
O3 GOL K . 6.71 34.45 3.31
C1 GOL L . -1.38 -3.96 8.66
O1 GOL L . -2.45 -3.06 8.80
C2 GOL L . -0.13 -3.26 9.25
O2 GOL L . -0.27 -2.98 10.60
C3 GOL L . 0.05 -1.98 8.41
O3 GOL L . 0.64 -2.36 7.20
C1 GOL M . -17.86 -6.00 4.31
O1 GOL M . -17.82 -6.44 2.98
C2 GOL M . -16.46 -5.41 4.61
O2 GOL M . -16.07 -4.50 3.63
C3 GOL M . -16.59 -4.75 6.01
O3 GOL M . -15.31 -4.70 6.57
C1 GOL N . -30.95 43.09 -16.72
O1 GOL N . -31.34 43.63 -17.94
C2 GOL N . -30.09 44.15 -16.01
O2 GOL N . -30.83 45.27 -15.65
C3 GOL N . -29.50 43.43 -14.77
O3 GOL N . -28.64 42.44 -15.26
#